data_7F2U
#
_entry.id   7F2U
#
_cell.length_a   48.020
_cell.length_b   66.489
_cell.length_c   109.100
_cell.angle_alpha   90.000
_cell.angle_beta   95.610
_cell.angle_gamma   90.000
#
_symmetry.space_group_name_H-M   'P 1 21 1'
#
loop_
_entity.id
_entity.type
_entity.pdbx_description
1 polymer 'FAD:protein FMN transferase'
2 non-polymer "ADENOSINE-5'-DIPHOSPHATE"
3 non-polymer 'MAGNESIUM ION'
4 water water
#
_entity_poly.entity_id   1
_entity_poly.type   'polypeptide(L)'
_entity_poly.pdbx_seq_one_letter_code
;MNSSKETKSEPSDSKKLMDQPYSKTDFLMGTVVTLKIYDKGKEDVLDKGFDRIKDLAAKITTSDSEKTSEVDKINEQAGK
KPVKVSEDVYYLIQEGLKYSENSGGSFDITIGPLTSLWHIGFSDARKPSQAEIDAVLPLINYKDVKMNDKDQTVYLEKEG
MELDLGAIAKGFITDETLKVFKENKVTTSIIDLGGNIYVQGNNPNGNKWNVGIQDPFSPRGSVIGKLPESNMSIVTSGIY
ERYLEVDGKTYHHILDPKTGYPFDNDIAGVSIVSKKSIDGDGLSTATFSKGIKGGMDYIEQFEGVDAIFISKEKKVYETS
GLKGQFELTDKDFQMDTLKK
;
_entity_poly.pdbx_strand_id   A,B
#
# COMPACT_ATOMS: atom_id res chain seq x y z
N LEU A 17 -34.33 -11.30 4.81
CA LEU A 17 -33.77 -10.35 5.77
C LEU A 17 -33.73 -10.92 7.19
N MET A 18 -32.69 -10.59 7.92
CA MET A 18 -32.50 -11.08 9.28
C MET A 18 -32.98 -10.04 10.27
N ASP A 19 -33.41 -10.51 11.42
CA ASP A 19 -33.82 -9.57 12.47
C ASP A 19 -32.59 -8.93 13.12
N GLN A 20 -31.61 -9.74 13.46
CA GLN A 20 -30.35 -9.29 14.05
C GLN A 20 -29.28 -9.26 12.96
N PRO A 21 -28.59 -8.14 12.72
CA PRO A 21 -27.72 -8.07 11.54
C PRO A 21 -26.37 -8.73 11.80
N TYR A 22 -25.67 -9.00 10.70
CA TYR A 22 -24.24 -9.21 10.79
C TYR A 22 -23.62 -7.86 11.16
N SER A 23 -22.68 -7.86 12.09
CA SER A 23 -22.14 -6.61 12.59
C SER A 23 -20.64 -6.76 12.83
N LYS A 24 -19.89 -5.71 12.48
CA LYS A 24 -18.46 -5.61 12.78
C LYS A 24 -18.14 -4.19 13.20
N THR A 25 -17.19 -4.08 14.15
CA THR A 25 -16.75 -2.79 14.66
C THR A 25 -15.22 -2.66 14.63
N ASP A 26 -14.75 -1.46 14.35
CA ASP A 26 -13.33 -1.18 14.32
C ASP A 26 -13.15 0.26 14.75
N PHE A 27 -11.90 0.65 14.95
CA PHE A 27 -11.54 2.02 15.31
C PHE A 27 -10.61 2.52 14.23
N LEU A 28 -11.09 3.44 13.40
CA LEU A 28 -10.32 3.94 12.27
C LEU A 28 -10.52 5.44 12.15
N MET A 29 -9.49 6.12 11.64
CA MET A 29 -9.55 7.57 11.44
C MET A 29 -9.99 8.25 12.72
N GLY A 30 -9.56 7.71 13.85
CA GLY A 30 -9.85 8.32 15.12
C GLY A 30 -11.30 8.20 15.52
N THR A 31 -12.00 7.19 15.02
CA THR A 31 -13.38 7.07 15.48
C THR A 31 -13.81 5.62 15.45
N VAL A 32 -14.83 5.32 16.24
CA VAL A 32 -15.48 4.01 16.18
C VAL A 32 -16.26 3.91 14.87
N VAL A 33 -16.04 2.83 14.14
CA VAL A 33 -16.72 2.55 12.88
C VAL A 33 -17.42 1.19 13.02
N THR A 34 -18.69 1.14 12.64
CA THR A 34 -19.46 -0.10 12.66
C THR A 34 -20.21 -0.25 11.35
N LEU A 35 -20.26 -1.47 10.82
CA LEU A 35 -21.08 -1.77 9.67
C LEU A 35 -22.08 -2.85 10.09
N LYS A 36 -23.33 -2.72 9.63
CA LYS A 36 -24.34 -3.74 9.89
C LYS A 36 -25.02 -4.10 8.58
N ILE A 37 -25.18 -5.41 8.32
CA ILE A 37 -25.87 -5.90 7.13
C ILE A 37 -26.95 -6.88 7.54
N TYR A 38 -28.18 -6.69 7.02
CA TYR A 38 -29.34 -7.51 7.40
C TYR A 38 -29.68 -8.60 6.38
N ASP A 39 -29.13 -8.54 5.17
CA ASP A 39 -29.37 -9.58 4.18
C ASP A 39 -28.70 -10.88 4.60
N LYS A 40 -29.50 -11.95 4.78
CA LYS A 40 -28.94 -13.27 5.07
C LYS A 40 -27.87 -13.64 4.05
N GLY A 41 -26.81 -14.27 4.54
CA GLY A 41 -25.80 -14.84 3.65
C GLY A 41 -24.64 -13.92 3.29
N LYS A 42 -24.65 -12.67 3.73
CA LYS A 42 -23.70 -11.68 3.23
C LYS A 42 -22.71 -11.23 4.31
N GLU A 43 -22.46 -12.07 5.32
CA GLU A 43 -21.54 -11.66 6.39
C GLU A 43 -20.18 -11.23 5.86
N ASP A 44 -19.70 -11.87 4.79
CA ASP A 44 -18.38 -11.57 4.26
C ASP A 44 -18.32 -10.21 3.58
N VAL A 45 -19.46 -9.59 3.29
CA VAL A 45 -19.41 -8.26 2.70
C VAL A 45 -18.97 -7.23 3.73
N LEU A 46 -19.10 -7.54 5.03
CA LEU A 46 -18.58 -6.66 6.07
C LEU A 46 -17.07 -6.46 5.91
N ASP A 47 -16.32 -7.55 5.70
CA ASP A 47 -14.89 -7.42 5.49
C ASP A 47 -14.58 -6.66 4.20
N LYS A 48 -15.36 -6.90 3.14
CA LYS A 48 -15.15 -6.14 1.91
C LYS A 48 -15.36 -4.65 2.16
N GLY A 49 -16.30 -4.31 3.03
CA GLY A 49 -16.49 -2.92 3.37
C GLY A 49 -15.31 -2.35 4.14
N PHE A 50 -14.92 -3.01 5.23
CA PHE A 50 -13.81 -2.50 6.04
C PHE A 50 -12.50 -2.48 5.26
N ASP A 51 -12.26 -3.48 4.39
CA ASP A 51 -11.11 -3.43 3.49
C ASP A 51 -11.13 -2.15 2.67
N ARG A 52 -12.28 -1.82 2.08
CA ARG A 52 -12.38 -0.63 1.25
C ARG A 52 -12.12 0.62 2.07
N ILE A 53 -12.72 0.68 3.26
CA ILE A 53 -12.53 1.85 4.12
C ILE A 53 -11.06 2.04 4.41
N LYS A 54 -10.38 0.95 4.79
CA LYS A 54 -8.96 1.01 5.13
C LYS A 54 -8.11 1.40 3.93
N ASP A 55 -8.42 0.86 2.73
CA ASP A 55 -7.68 1.27 1.55
C ASP A 55 -7.83 2.75 1.28
N LEU A 56 -9.06 3.27 1.39
CA LEU A 56 -9.28 4.70 1.13
C LEU A 56 -8.62 5.56 2.19
N ALA A 57 -8.71 5.16 3.45
CA ALA A 57 -8.13 5.97 4.52
C ALA A 57 -6.60 6.04 4.40
N ALA A 58 -5.97 4.95 3.94
CA ALA A 58 -4.52 4.95 3.81
C ALA A 58 -4.05 5.91 2.71
N LYS A 59 -4.87 6.10 1.66
CA LYS A 59 -4.49 7.04 0.61
C LYS A 59 -4.65 8.47 1.07
N ILE A 60 -5.55 8.71 2.01
CA ILE A 60 -6.08 10.03 2.31
C ILE A 60 -5.38 10.65 3.52
N THR A 61 -5.06 9.83 4.50
CA THR A 61 -4.56 10.30 5.78
C THR A 61 -3.23 11.03 5.60
N THR A 62 -3.04 12.10 6.37
CA THR A 62 -1.76 12.78 6.44
C THR A 62 -1.01 12.50 7.73
N SER A 63 -1.63 11.80 8.66
CA SER A 63 -1.20 11.77 10.05
C SER A 63 -0.61 10.43 10.45
N ASP A 64 0.03 9.75 9.50
CA ASP A 64 0.73 8.49 9.77
C ASP A 64 2.21 8.74 9.54
N SER A 65 2.99 8.68 10.63
CA SER A 65 4.43 8.87 10.50
C SER A 65 5.13 7.64 9.94
N GLU A 66 4.41 6.53 9.78
CA GLU A 66 5.03 5.29 9.33
C GLU A 66 4.89 5.08 7.83
N LYS A 67 3.84 5.64 7.22
CA LYS A 67 3.58 5.53 5.79
C LYS A 67 3.39 6.90 5.16
N THR A 68 3.79 7.02 3.91
CA THR A 68 3.55 8.22 3.12
C THR A 68 2.36 7.93 2.22
N SER A 69 1.25 8.63 2.46
CA SER A 69 0.04 8.49 1.67
C SER A 69 0.18 9.27 0.35
N GLU A 70 -0.78 9.05 -0.56
CA GLU A 70 -0.80 9.86 -1.77
C GLU A 70 -0.94 11.35 -1.42
N VAL A 71 -1.78 11.66 -0.44
CA VAL A 71 -1.93 13.07 -0.04
C VAL A 71 -0.60 13.61 0.48
N ASP A 72 0.08 12.82 1.32
CA ASP A 72 1.40 13.20 1.79
C ASP A 72 2.33 13.47 0.61
N LYS A 73 2.25 12.63 -0.41
CA LYS A 73 3.18 12.75 -1.51
C LYS A 73 2.91 14.04 -2.27
N ILE A 74 1.64 14.32 -2.57
CA ILE A 74 1.26 15.59 -3.19
C ILE A 74 1.84 16.74 -2.38
N ASN A 75 1.69 16.67 -1.05
CA ASN A 75 2.10 17.77 -0.19
C ASN A 75 3.62 17.98 -0.22
N GLU A 76 4.41 16.91 -0.24
CA GLU A 76 5.85 17.12 -0.16
C GLU A 76 6.41 17.68 -1.46
N GLN A 77 5.67 17.55 -2.57
CA GLN A 77 6.08 18.05 -3.88
C GLN A 77 5.46 19.40 -4.20
N ALA A 78 4.83 20.05 -3.24
CA ALA A 78 4.25 21.36 -3.49
C ALA A 78 5.30 22.33 -4.03
N GLY A 79 4.96 23.00 -5.12
CA GLY A 79 5.88 23.91 -5.75
C GLY A 79 7.03 23.23 -6.46
N LYS A 80 7.04 21.89 -6.48
CA LYS A 80 8.11 21.13 -7.09
C LYS A 80 7.66 20.50 -8.41
N LYS A 81 6.85 19.45 -8.35
CA LYS A 81 6.40 18.75 -9.55
C LYS A 81 5.03 18.12 -9.31
N PRO A 82 4.23 17.91 -10.36
CA PRO A 82 2.96 17.20 -10.19
C PRO A 82 3.19 15.77 -9.74
N VAL A 83 2.14 15.17 -9.17
CA VAL A 83 2.22 13.84 -8.54
C VAL A 83 1.13 12.97 -9.15
N LYS A 84 1.55 11.83 -9.71
CA LYS A 84 0.60 10.82 -10.18
C LYS A 84 -0.18 10.27 -9.00
N VAL A 85 -1.51 10.28 -9.09
CA VAL A 85 -2.35 9.77 -8.00
C VAL A 85 -3.36 8.78 -8.55
N SER A 86 -3.92 7.97 -7.65
CA SER A 86 -4.91 6.97 -8.04
C SER A 86 -6.23 7.65 -8.37
N GLU A 87 -7.14 6.89 -8.99
CA GLU A 87 -8.44 7.44 -9.36
C GLU A 87 -9.24 7.86 -8.13
N ASP A 88 -9.11 7.13 -7.01
CA ASP A 88 -9.81 7.50 -5.79
C ASP A 88 -9.43 8.89 -5.34
N VAL A 89 -8.13 9.15 -5.24
CA VAL A 89 -7.62 10.44 -4.78
C VAL A 89 -7.88 11.53 -5.80
N TYR A 90 -7.65 11.25 -7.08
CA TYR A 90 -7.94 12.26 -8.09
C TYR A 90 -9.39 12.70 -7.99
N TYR A 91 -10.30 11.72 -7.91
CA TYR A 91 -11.72 12.06 -7.83
C TYR A 91 -12.04 12.88 -6.59
N LEU A 92 -11.52 12.49 -5.43
CA LEU A 92 -11.90 13.15 -4.18
C LEU A 92 -11.43 14.60 -4.19
N ILE A 93 -10.23 14.85 -4.70
CA ILE A 93 -9.71 16.21 -4.79
C ILE A 93 -10.54 17.05 -5.76
N GLN A 94 -10.94 16.49 -6.91
CA GLN A 94 -11.87 17.21 -7.79
C GLN A 94 -13.12 17.65 -7.06
N GLU A 95 -13.72 16.76 -6.27
CA GLU A 95 -14.95 17.15 -5.60
C GLU A 95 -14.66 18.18 -4.52
N GLY A 96 -13.52 18.01 -3.83
CA GLY A 96 -13.13 18.97 -2.82
C GLY A 96 -12.97 20.38 -3.39
N LEU A 97 -12.42 20.48 -4.59
CA LEU A 97 -12.31 21.79 -5.22
C LEU A 97 -13.68 22.37 -5.57
N LYS A 98 -14.65 21.52 -5.93
CA LYS A 98 -15.98 22.05 -6.22
C LYS A 98 -16.65 22.55 -4.96
N TYR A 99 -16.59 21.77 -3.88
CA TYR A 99 -17.11 22.27 -2.61
C TYR A 99 -16.36 23.52 -2.17
N SER A 100 -15.07 23.60 -2.46
CA SER A 100 -14.31 24.81 -2.11
C SER A 100 -14.87 26.01 -2.86
N GLU A 101 -14.97 25.92 -4.19
CA GLU A 101 -15.58 27.00 -4.97
C GLU A 101 -17.00 27.30 -4.50
N ASN A 102 -17.84 26.27 -4.37
CA ASN A 102 -19.25 26.46 -4.04
C ASN A 102 -19.43 27.16 -2.70
N SER A 103 -18.46 27.04 -1.80
CA SER A 103 -18.59 27.59 -0.45
C SER A 103 -18.18 29.05 -0.34
N GLY A 104 -17.63 29.65 -1.40
CA GLY A 104 -16.98 30.94 -1.25
C GLY A 104 -15.68 30.86 -0.47
N GLY A 105 -14.97 29.73 -0.52
CA GLY A 105 -13.70 29.57 0.15
C GLY A 105 -13.72 29.48 1.66
N SER A 106 -14.90 29.55 2.31
CA SER A 106 -14.95 29.20 3.72
C SER A 106 -14.59 27.74 3.93
N PHE A 107 -14.81 26.90 2.92
CA PHE A 107 -14.31 25.54 2.90
C PHE A 107 -13.22 25.50 1.85
N ASP A 108 -12.03 25.02 2.22
CA ASP A 108 -10.89 25.01 1.31
C ASP A 108 -9.98 23.84 1.66
N ILE A 109 -9.82 22.90 0.72
CA ILE A 109 -9.03 21.70 0.99
C ILE A 109 -7.55 22.01 1.05
N THR A 110 -7.14 23.27 0.87
CA THR A 110 -5.73 23.62 1.09
C THR A 110 -5.50 24.24 2.46
N ILE A 111 -6.40 24.00 3.40
CA ILE A 111 -6.32 24.57 4.74
C ILE A 111 -5.23 23.86 5.53
N GLY A 112 -4.63 22.84 4.92
CA GLY A 112 -3.62 21.99 5.54
C GLY A 112 -2.58 22.68 6.40
N PRO A 113 -1.92 23.72 5.90
CA PRO A 113 -0.92 24.40 6.75
C PRO A 113 -1.53 24.93 8.04
N LEU A 114 -2.80 25.35 7.98
CA LEU A 114 -3.44 25.87 9.17
C LEU A 114 -3.92 24.74 10.08
N THR A 115 -4.54 23.68 9.52
CA THR A 115 -4.98 22.60 10.40
C THR A 115 -3.83 21.81 10.99
N SER A 116 -2.69 21.73 10.29
CA SER A 116 -1.48 21.14 10.86
C SER A 116 -0.96 21.95 12.03
N LEU A 117 -1.30 23.24 12.06
CA LEU A 117 -0.70 24.14 13.04
C LEU A 117 -1.39 23.97 14.40
N TRP A 118 -2.73 24.04 14.41
CA TRP A 118 -3.50 23.73 15.63
C TRP A 118 -3.41 22.24 15.94
N HIS A 119 -3.61 21.42 14.91
CA HIS A 119 -3.62 19.96 14.94
C HIS A 119 -4.61 19.50 16.02
N ILE A 120 -5.82 20.06 15.92
CA ILE A 120 -6.90 19.78 16.87
C ILE A 120 -7.32 18.32 16.80
N GLY A 121 -7.51 17.71 17.97
CA GLY A 121 -7.88 16.32 18.04
C GLY A 121 -6.71 15.38 18.18
N PHE A 122 -5.49 15.90 18.29
CA PHE A 122 -4.30 15.11 18.55
C PHE A 122 -3.72 15.57 19.87
N SER A 123 -2.93 14.70 20.50
CA SER A 123 -2.48 15.00 21.85
C SER A 123 -1.56 16.22 21.89
N ASP A 124 -1.02 16.63 20.74
CA ASP A 124 -0.22 17.85 20.67
C ASP A 124 -1.00 19.03 20.10
N ALA A 125 -2.34 18.98 20.09
CA ALA A 125 -3.12 20.18 19.74
C ALA A 125 -2.71 21.36 20.61
N ARG A 126 -2.77 22.56 20.04
CA ARG A 126 -2.33 23.77 20.73
C ARG A 126 -2.96 24.98 20.03
N LYS A 127 -3.03 26.08 20.76
CA LYS A 127 -3.42 27.33 20.13
C LYS A 127 -2.16 27.98 19.62
N PRO A 128 -1.95 28.06 18.31
CA PRO A 128 -0.75 28.73 17.80
C PRO A 128 -0.82 30.21 18.07
N SER A 129 0.30 30.89 17.92
CA SER A 129 0.28 32.33 18.08
C SER A 129 -0.18 33.00 16.80
N GLN A 130 -0.74 34.20 16.94
CA GLN A 130 -1.21 34.92 15.77
C GLN A 130 -0.14 35.00 14.69
N ALA A 131 1.11 35.28 15.08
CA ALA A 131 2.17 35.41 14.09
C ALA A 131 2.35 34.12 13.30
N GLU A 132 2.18 32.96 13.95
CA GLU A 132 2.27 31.68 13.23
C GLU A 132 1.09 31.51 12.28
N ILE A 133 -0.10 31.94 12.70
CA ILE A 133 -1.28 31.88 11.83
C ILE A 133 -1.09 32.79 10.61
N ASP A 134 -0.69 34.04 10.84
CA ASP A 134 -0.50 34.98 9.74
C ASP A 134 0.44 34.43 8.69
N ALA A 135 1.42 33.64 9.11
CA ALA A 135 2.39 33.07 8.17
C ALA A 135 1.80 31.99 7.28
N VAL A 136 0.72 31.32 7.67
CA VAL A 136 0.20 30.22 6.86
C VAL A 136 -1.05 30.61 6.06
N LEU A 137 -1.77 31.67 6.45
CA LEU A 137 -2.96 32.07 5.69
C LEU A 137 -2.70 32.37 4.21
N PRO A 138 -1.61 33.02 3.81
CA PRO A 138 -1.41 33.23 2.36
C PRO A 138 -1.18 31.95 1.59
N LEU A 139 -0.98 30.83 2.28
CA LEU A 139 -0.82 29.54 1.61
C LEU A 139 -2.14 28.86 1.29
N ILE A 140 -3.25 29.37 1.84
CA ILE A 140 -4.56 28.73 1.72
C ILE A 140 -5.26 29.32 0.50
N ASN A 141 -5.35 28.53 -0.57
CA ASN A 141 -6.04 29.00 -1.77
C ASN A 141 -6.34 27.81 -2.67
N TYR A 142 -7.61 27.36 -2.66
CA TYR A 142 -7.99 26.19 -3.45
C TYR A 142 -7.67 26.35 -4.93
N LYS A 143 -7.68 27.59 -5.44
CA LYS A 143 -7.39 27.83 -6.84
C LYS A 143 -5.96 27.48 -7.22
N ASP A 144 -5.04 27.42 -6.26
CA ASP A 144 -3.67 27.00 -6.57
C ASP A 144 -3.51 25.48 -6.66
N VAL A 145 -4.59 24.72 -6.77
CA VAL A 145 -4.51 23.28 -6.95
C VAL A 145 -4.69 23.02 -8.45
N LYS A 146 -3.68 22.42 -9.08
CA LYS A 146 -3.61 22.31 -10.53
C LYS A 146 -3.80 20.84 -10.90
N MET A 147 -5.01 20.51 -11.35
CA MET A 147 -5.39 19.20 -11.88
C MET A 147 -5.09 19.04 -13.36
N ASN A 148 -4.64 17.85 -13.73
CA ASN A 148 -4.46 17.45 -15.12
C ASN A 148 -5.19 16.12 -15.34
N ASP A 149 -6.33 16.19 -16.06
CA ASP A 149 -7.11 14.98 -16.28
C ASP A 149 -6.34 13.99 -17.14
N LYS A 150 -5.70 14.48 -18.19
CA LYS A 150 -4.98 13.59 -19.08
C LYS A 150 -3.95 12.77 -18.30
N ASP A 151 -3.11 13.46 -17.53
CA ASP A 151 -2.07 12.81 -16.75
C ASP A 151 -2.55 12.21 -15.44
N GLN A 152 -3.74 12.57 -14.95
CA GLN A 152 -4.20 12.15 -13.63
C GLN A 152 -3.16 12.51 -12.55
N THR A 153 -2.70 13.77 -12.61
CA THR A 153 -1.73 14.31 -11.69
C THR A 153 -2.32 15.51 -10.97
N VAL A 154 -1.84 15.73 -9.75
CA VAL A 154 -2.24 16.83 -8.88
C VAL A 154 -0.98 17.58 -8.49
N TYR A 155 -1.02 18.91 -8.64
CA TYR A 155 0.14 19.77 -8.41
C TYR A 155 -0.30 20.94 -7.55
N LEU A 156 0.32 21.09 -6.38
CA LEU A 156 0.17 22.30 -5.60
C LEU A 156 1.23 23.29 -6.10
N GLU A 157 0.79 24.52 -6.38
CA GLU A 157 1.58 25.50 -7.13
C GLU A 157 2.68 26.15 -6.30
N LYS A 158 2.42 26.44 -5.03
CA LYS A 158 3.38 27.14 -4.17
C LYS A 158 3.92 26.20 -3.10
N GLU A 159 5.25 26.24 -2.87
CA GLU A 159 5.79 25.58 -1.69
C GLU A 159 5.09 26.02 -0.41
N GLY A 160 5.08 25.12 0.57
CA GLY A 160 4.41 25.33 1.83
C GLY A 160 2.97 24.86 1.87
N MET A 161 2.35 24.68 0.70
CA MET A 161 0.94 24.35 0.60
C MET A 161 0.70 22.94 1.11
N GLU A 162 -0.42 22.70 1.78
CA GLU A 162 -0.75 21.34 2.21
C GLU A 162 -2.23 21.07 1.96
N LEU A 163 -2.52 19.97 1.29
CA LEU A 163 -3.89 19.47 1.17
C LEU A 163 -4.35 18.87 2.50
N ASP A 164 -5.63 19.07 2.81
CA ASP A 164 -6.30 18.44 3.95
C ASP A 164 -7.69 18.06 3.44
N LEU A 165 -7.91 16.77 3.22
CA LEU A 165 -9.18 16.25 2.75
C LEU A 165 -10.07 15.81 3.91
N GLY A 166 -9.70 16.16 5.14
CA GLY A 166 -10.40 15.63 6.30
C GLY A 166 -11.90 15.84 6.26
N ALA A 167 -12.33 16.98 5.72
CA ALA A 167 -13.74 17.37 5.82
C ALA A 167 -14.63 16.69 4.79
N ILE A 168 -14.07 15.86 3.90
CA ILE A 168 -14.87 15.11 2.95
C ILE A 168 -14.48 13.64 2.89
N ALA A 169 -13.50 13.21 3.70
CA ALA A 169 -13.03 11.84 3.57
C ALA A 169 -14.09 10.84 4.02
N LYS A 170 -14.69 11.06 5.19
CA LYS A 170 -15.65 10.07 5.69
C LYS A 170 -16.91 10.01 4.83
N GLY A 171 -17.32 11.14 4.26
CA GLY A 171 -18.44 11.11 3.33
C GLY A 171 -18.12 10.31 2.08
N PHE A 172 -16.94 10.53 1.51
CA PHE A 172 -16.55 9.78 0.32
C PHE A 172 -16.41 8.30 0.64
N ILE A 173 -15.81 7.97 1.78
CA ILE A 173 -15.60 6.57 2.13
C ILE A 173 -16.93 5.88 2.38
N THR A 174 -17.85 6.55 3.09
CA THR A 174 -19.21 6.05 3.24
C THR A 174 -19.84 5.71 1.89
N ASP A 175 -19.83 6.67 0.95
CA ASP A 175 -20.43 6.40 -0.36
C ASP A 175 -19.72 5.23 -1.05
N GLU A 176 -18.40 5.18 -0.93
CA GLU A 176 -17.65 4.07 -1.53
C GLU A 176 -17.98 2.75 -0.85
N THR A 177 -18.20 2.77 0.46
CA THR A 177 -18.62 1.56 1.16
C THR A 177 -19.98 1.08 0.67
N LEU A 178 -20.92 2.02 0.49
CA LEU A 178 -22.23 1.67 -0.03
C LEU A 178 -22.10 1.03 -1.41
N LYS A 179 -21.20 1.56 -2.24
CA LYS A 179 -21.00 1.00 -3.58
C LYS A 179 -20.54 -0.45 -3.46
N VAL A 180 -19.61 -0.71 -2.53
CA VAL A 180 -19.19 -2.08 -2.26
C VAL A 180 -20.38 -2.93 -1.86
N PHE A 181 -21.23 -2.39 -0.98
CA PHE A 181 -22.41 -3.12 -0.54
C PHE A 181 -23.30 -3.47 -1.72
N LYS A 182 -23.63 -2.47 -2.56
CA LYS A 182 -24.57 -2.70 -3.65
C LYS A 182 -23.99 -3.65 -4.68
N GLU A 183 -22.67 -3.61 -4.88
CA GLU A 183 -22.02 -4.54 -5.80
C GLU A 183 -22.23 -6.00 -5.38
N ASN A 184 -22.35 -6.26 -4.08
CA ASN A 184 -22.60 -7.59 -3.54
C ASN A 184 -24.07 -7.82 -3.23
N LYS A 185 -24.96 -7.01 -3.80
CA LYS A 185 -26.41 -7.21 -3.69
C LYS A 185 -26.88 -7.11 -2.22
N VAL A 186 -26.16 -6.34 -1.41
CA VAL A 186 -26.71 -5.93 -0.12
C VAL A 186 -27.86 -4.96 -0.38
N THR A 187 -28.97 -5.14 0.32
CA THR A 187 -30.13 -4.26 0.20
C THR A 187 -30.47 -3.51 1.49
N THR A 188 -30.09 -4.04 2.64
CA THR A 188 -30.51 -3.45 3.91
C THR A 188 -29.33 -3.45 4.86
N SER A 189 -28.91 -2.27 5.28
CA SER A 189 -27.64 -2.14 5.99
C SER A 189 -27.55 -0.77 6.68
N ILE A 190 -26.63 -0.67 7.63
CA ILE A 190 -26.30 0.60 8.25
C ILE A 190 -24.78 0.75 8.24
N ILE A 191 -24.31 1.89 7.75
CA ILE A 191 -22.90 2.27 7.74
C ILE A 191 -22.71 3.42 8.70
N ASP A 192 -21.89 3.22 9.73
CA ASP A 192 -21.66 4.24 10.75
C ASP A 192 -20.17 4.53 10.88
N LEU A 193 -19.75 5.64 10.27
CA LEU A 193 -18.40 6.18 10.42
C LEU A 193 -18.39 7.36 11.38
N GLY A 194 -18.78 7.13 12.61
CA GLY A 194 -18.75 8.15 13.63
C GLY A 194 -19.68 9.30 13.32
N GLY A 195 -19.15 10.37 12.73
CA GLY A 195 -19.98 11.50 12.36
C GLY A 195 -20.68 11.39 11.02
N ASN A 196 -20.77 10.18 10.47
CA ASN A 196 -21.48 9.93 9.22
C ASN A 196 -22.30 8.66 9.36
N ILE A 197 -23.58 8.74 9.00
CA ILE A 197 -24.48 7.59 8.94
C ILE A 197 -25.06 7.49 7.55
N TYR A 198 -25.04 6.28 6.99
CA TYR A 198 -25.90 5.97 5.85
C TYR A 198 -26.81 4.79 6.23
N VAL A 199 -28.11 4.94 5.95
CA VAL A 199 -29.10 3.88 6.18
C VAL A 199 -29.62 3.44 4.81
N GLN A 200 -29.52 2.13 4.51
CA GLN A 200 -29.93 1.56 3.22
C GLN A 200 -31.17 0.71 3.41
N GLY A 201 -32.16 0.91 2.55
CA GLY A 201 -33.34 0.12 2.76
C GLY A 201 -34.14 0.58 3.97
N ASN A 202 -35.01 -0.31 4.43
CA ASN A 202 -35.82 -0.05 5.60
C ASN A 202 -35.44 -1.04 6.70
N ASN A 203 -35.89 -0.74 7.91
CA ASN A 203 -35.91 -1.72 8.97
C ASN A 203 -36.59 -3.00 8.47
N PRO A 204 -36.06 -4.18 8.81
CA PRO A 204 -36.75 -5.42 8.43
C PRO A 204 -38.21 -5.49 8.86
N ASN A 205 -38.60 -4.68 9.84
CA ASN A 205 -40.00 -4.70 10.24
C ASN A 205 -40.85 -3.80 9.33
N GLY A 206 -40.23 -3.24 8.29
CA GLY A 206 -40.94 -2.47 7.30
C GLY A 206 -40.96 -0.97 7.54
N ASN A 207 -40.52 -0.52 8.70
CA ASN A 207 -40.51 0.88 9.05
C ASN A 207 -39.26 1.57 8.50
N LYS A 208 -39.34 2.90 8.36
CA LYS A 208 -38.13 3.63 8.08
C LYS A 208 -37.18 3.51 9.27
N TRP A 209 -35.89 3.65 8.99
CA TRP A 209 -34.90 3.67 10.05
C TRP A 209 -35.03 4.96 10.86
N ASN A 210 -34.99 4.83 12.18
CA ASN A 210 -35.03 5.97 13.09
C ASN A 210 -33.60 6.40 13.37
N VAL A 211 -33.18 7.47 12.72
CA VAL A 211 -31.80 7.94 12.82
C VAL A 211 -31.68 8.95 13.97
N GLY A 212 -30.80 8.66 14.91
CA GLY A 212 -30.61 9.58 16.02
C GLY A 212 -29.94 10.86 15.57
N ILE A 213 -30.44 11.99 16.05
CA ILE A 213 -29.83 13.28 15.79
C ILE A 213 -28.97 13.63 16.99
N GLN A 214 -27.67 13.83 16.76
CA GLN A 214 -26.71 13.99 17.84
C GLN A 214 -27.01 15.19 18.73
N ASP A 215 -26.82 15.00 20.04
CA ASP A 215 -26.87 16.11 20.99
C ASP A 215 -25.51 16.78 20.98
N PRO A 216 -25.35 17.97 20.40
CA PRO A 216 -24.02 18.57 20.26
C PRO A 216 -23.33 18.90 21.58
N PHE A 217 -24.05 18.90 22.70
CA PHE A 217 -23.42 19.18 23.99
C PHE A 217 -22.91 17.92 24.69
N SER A 218 -23.26 16.73 24.20
CA SER A 218 -22.96 15.48 24.91
C SER A 218 -22.08 14.56 24.06
N PRO A 219 -21.50 13.51 24.65
CA PRO A 219 -20.63 12.62 23.88
C PRO A 219 -21.35 12.00 22.68
N ARG A 220 -20.56 11.70 21.64
CA ARG A 220 -21.06 11.06 20.44
C ARG A 220 -21.92 9.85 20.78
N GLY A 221 -23.14 9.84 20.24
CA GLY A 221 -24.07 8.77 20.53
C GLY A 221 -25.30 9.23 21.29
N SER A 222 -25.13 10.20 22.20
CA SER A 222 -26.29 10.84 22.81
C SER A 222 -27.04 11.64 21.76
N VAL A 223 -28.37 11.64 21.86
CA VAL A 223 -29.26 12.19 20.85
C VAL A 223 -30.33 13.06 21.50
N ILE A 224 -30.85 14.01 20.73
CA ILE A 224 -31.99 14.81 21.16
C ILE A 224 -33.30 14.33 20.57
N GLY A 225 -33.26 13.32 19.71
CA GLY A 225 -34.43 12.97 18.93
C GLY A 225 -34.11 12.07 17.76
N LYS A 226 -35.16 11.75 17.00
CA LYS A 226 -35.11 10.76 15.94
C LYS A 226 -35.67 11.39 14.67
N LEU A 227 -35.09 11.00 13.54
CA LEU A 227 -35.57 11.41 12.22
C LEU A 227 -35.73 10.14 11.41
N PRO A 228 -36.94 9.81 10.93
CA PRO A 228 -37.09 8.60 10.11
C PRO A 228 -36.50 8.82 8.73
N GLU A 229 -35.65 7.88 8.30
CA GLU A 229 -35.00 8.00 7.00
C GLU A 229 -34.79 6.62 6.36
N SER A 230 -34.75 6.63 5.03
CA SER A 230 -34.53 5.43 4.23
C SER A 230 -33.67 5.82 3.04
N ASN A 231 -32.60 5.05 2.80
CA ASN A 231 -31.70 5.25 1.67
C ASN A 231 -31.15 6.69 1.64
N MET A 232 -30.59 7.12 2.78
CA MET A 232 -30.17 8.50 2.94
C MET A 232 -28.90 8.55 3.78
N SER A 233 -28.11 9.58 3.55
CA SER A 233 -26.98 9.92 4.40
C SER A 233 -27.40 10.96 5.42
N ILE A 234 -26.90 10.82 6.65
CA ILE A 234 -27.05 11.87 7.65
C ILE A 234 -25.65 12.15 8.21
N VAL A 235 -25.16 13.37 8.00
CA VAL A 235 -23.84 13.76 8.46
C VAL A 235 -24.00 14.81 9.54
N THR A 236 -23.26 14.65 10.63
CA THR A 236 -23.40 15.50 11.80
C THR A 236 -22.10 16.22 12.07
N SER A 237 -22.19 17.49 12.41
CA SER A 237 -21.05 18.28 12.87
C SER A 237 -21.45 19.05 14.12
N GLY A 238 -20.49 19.27 15.01
CA GLY A 238 -20.76 20.02 16.23
C GLY A 238 -19.53 20.71 16.79
N ILE A 239 -19.80 21.68 17.68
CA ILE A 239 -18.73 22.54 18.20
C ILE A 239 -17.91 21.87 19.28
N TYR A 240 -18.31 20.65 19.69
CA TYR A 240 -17.57 19.89 20.70
C TYR A 240 -17.18 18.48 20.28
N GLU A 241 -17.10 18.12 19.00
CA GLU A 241 -16.87 16.69 18.78
C GLU A 241 -15.37 16.38 18.78
N ARG A 242 -14.53 17.23 18.12
CA ARG A 242 -13.07 17.29 18.34
C ARG A 242 -12.68 18.72 18.64
N TYR A 243 -12.10 18.93 19.82
CA TYR A 243 -11.79 20.29 20.22
C TYR A 243 -10.59 20.33 21.16
N LEU A 244 -10.02 21.53 21.29
CA LEU A 244 -8.93 21.86 22.20
C LEU A 244 -9.48 22.71 23.33
N GLU A 245 -8.93 22.53 24.53
CA GLU A 245 -9.27 23.38 25.66
C GLU A 245 -8.01 23.88 26.34
N VAL A 246 -7.89 25.20 26.47
CA VAL A 246 -6.83 25.86 27.23
C VAL A 246 -7.35 27.19 27.76
N ASP A 247 -6.97 27.50 29.01
CA ASP A 247 -7.41 28.70 29.72
C ASP A 247 -8.93 28.79 29.80
N GLY A 248 -9.57 27.65 30.06
CA GLY A 248 -11.02 27.62 30.21
C GLY A 248 -11.77 27.97 28.93
N LYS A 249 -11.12 27.86 27.78
CA LYS A 249 -11.73 28.20 26.51
C LYS A 249 -11.61 27.02 25.54
N THR A 250 -12.58 26.93 24.62
CA THR A 250 -12.74 25.82 23.70
C THR A 250 -12.57 26.24 22.25
N TYR A 251 -11.82 25.42 21.51
CA TYR A 251 -11.51 25.64 20.10
C TYR A 251 -11.84 24.38 19.31
N HIS A 252 -12.88 24.43 18.50
CA HIS A 252 -13.26 23.23 17.77
C HIS A 252 -12.52 23.16 16.43
N HIS A 253 -12.70 22.03 15.75
CA HIS A 253 -11.78 21.69 14.67
C HIS A 253 -12.20 22.22 13.31
N ILE A 254 -13.27 23.02 13.21
CA ILE A 254 -13.73 23.52 11.92
C ILE A 254 -13.24 24.96 11.80
N LEU A 255 -12.16 25.18 11.06
CA LEU A 255 -11.44 26.45 11.03
C LEU A 255 -11.82 27.33 9.85
N ASP A 256 -11.81 28.61 10.11
CA ASP A 256 -12.03 29.65 9.10
C ASP A 256 -10.72 29.85 8.35
N PRO A 257 -10.64 29.45 7.09
CA PRO A 257 -9.37 29.54 6.36
C PRO A 257 -8.93 30.97 6.12
N LYS A 258 -9.79 31.92 6.44
CA LYS A 258 -9.58 33.32 6.16
C LYS A 258 -9.17 34.05 7.42
N THR A 259 -9.44 33.40 8.55
CA THR A 259 -9.19 33.84 9.91
C THR A 259 -8.13 33.02 10.61
N GLY A 260 -8.14 31.70 10.44
CA GLY A 260 -7.26 30.84 11.20
C GLY A 260 -7.82 30.42 12.54
N TYR A 261 -9.00 30.89 12.91
CA TYR A 261 -9.64 30.51 14.13
C TYR A 261 -10.94 29.78 13.83
N PRO A 262 -11.44 28.98 14.78
CA PRO A 262 -12.70 28.27 14.56
C PRO A 262 -13.85 29.23 14.33
N PHE A 263 -14.78 28.83 13.46
CA PHE A 263 -15.99 29.61 13.26
C PHE A 263 -16.70 29.81 14.58
N ASP A 264 -17.13 31.04 14.80
CA ASP A 264 -17.78 31.51 16.02
C ASP A 264 -19.13 32.04 15.60
N ASN A 265 -20.19 31.31 15.93
CA ASN A 265 -21.54 31.82 15.70
C ASN A 265 -22.53 31.02 16.54
N ASP A 266 -23.81 31.10 16.19
CA ASP A 266 -24.84 30.55 17.07
C ASP A 266 -25.07 29.06 16.87
N ILE A 267 -24.39 28.42 15.92
CA ILE A 267 -24.58 26.99 15.69
C ILE A 267 -23.85 26.20 16.77
N ALA A 268 -24.57 25.30 17.42
CA ALA A 268 -23.95 24.27 18.24
C ALA A 268 -23.73 22.98 17.45
N GLY A 269 -24.70 22.58 16.64
CA GLY A 269 -24.55 21.37 15.84
C GLY A 269 -25.44 21.41 14.62
N VAL A 270 -25.07 20.63 13.62
CA VAL A 270 -25.86 20.53 12.40
C VAL A 270 -25.80 19.10 11.88
N SER A 271 -26.95 18.57 11.49
CA SER A 271 -27.04 17.27 10.82
C SER A 271 -27.59 17.52 9.43
N ILE A 272 -26.86 17.09 8.40
CA ILE A 272 -27.24 17.33 7.01
C ILE A 272 -27.69 16.01 6.40
N VAL A 273 -28.88 16.03 5.78
CA VAL A 273 -29.55 14.86 5.23
C VAL A 273 -29.50 14.94 3.72
N SER A 274 -28.92 13.94 3.07
CA SER A 274 -28.76 14.02 1.62
C SER A 274 -28.65 12.62 1.05
N LYS A 275 -28.72 12.55 -0.28
CA LYS A 275 -28.58 11.25 -0.94
C LYS A 275 -27.17 10.73 -0.81
N LYS A 276 -26.18 11.60 -0.99
CA LYS A 276 -24.78 11.23 -0.98
C LYS A 276 -24.13 11.68 0.30
N SER A 277 -23.34 10.80 0.90
CA SER A 277 -22.68 11.17 2.13
C SER A 277 -21.61 12.22 1.90
N ILE A 278 -20.94 12.20 0.74
CA ILE A 278 -19.91 13.21 0.51
C ILE A 278 -20.51 14.62 0.49
N ASP A 279 -21.72 14.76 -0.06
CA ASP A 279 -22.36 16.08 -0.05
C ASP A 279 -22.66 16.54 1.36
N GLY A 280 -23.11 15.62 2.22
CA GLY A 280 -23.17 15.83 3.65
C GLY A 280 -21.90 16.44 4.23
N ASP A 281 -20.77 15.72 4.23
CA ASP A 281 -19.48 16.36 4.57
C ASP A 281 -19.23 17.64 3.82
N GLY A 282 -19.34 17.62 2.52
CA GLY A 282 -18.99 18.80 1.76
C GLY A 282 -19.72 20.02 2.27
N LEU A 283 -21.05 19.92 2.30
CA LEU A 283 -21.82 21.10 2.62
C LEU A 283 -21.67 21.51 4.09
N SER A 284 -20.99 20.70 4.91
CA SER A 284 -20.97 20.90 6.35
C SER A 284 -20.30 22.21 6.74
N THR A 285 -19.15 22.51 6.13
CA THR A 285 -18.29 23.59 6.59
C THR A 285 -18.82 24.94 6.15
N ALA A 286 -19.29 25.06 4.91
CA ALA A 286 -19.88 26.32 4.51
C ALA A 286 -21.10 26.62 5.35
N THR A 287 -21.78 25.56 5.84
CA THR A 287 -22.91 25.77 6.72
C THR A 287 -22.48 26.34 8.06
N PHE A 288 -21.43 25.75 8.67
CA PHE A 288 -20.85 26.35 9.87
C PHE A 288 -20.46 27.80 9.69
N SER A 289 -19.90 28.17 8.52
CA SER A 289 -19.46 29.54 8.36
C SER A 289 -20.59 30.55 8.30
N LYS A 290 -21.85 30.11 8.20
CA LYS A 290 -22.96 31.01 7.93
C LYS A 290 -23.92 31.20 9.10
N GLY A 291 -23.74 30.46 10.20
CA GLY A 291 -24.66 30.52 11.33
C GLY A 291 -26.00 29.84 11.01
N ILE A 292 -26.87 29.81 12.03
CA ILE A 292 -28.17 29.13 11.90
C ILE A 292 -28.97 29.72 10.76
N LYS A 293 -29.31 31.00 10.86
CA LYS A 293 -30.22 31.57 9.88
C LYS A 293 -29.58 31.55 8.49
N GLY A 294 -28.31 31.90 8.39
CA GLY A 294 -27.64 31.86 7.10
C GLY A 294 -27.35 30.46 6.58
N GLY A 295 -27.10 29.50 7.47
CA GLY A 295 -26.84 28.13 7.03
C GLY A 295 -28.10 27.44 6.53
N MET A 296 -29.22 27.66 7.20
CA MET A 296 -30.49 27.21 6.65
C MET A 296 -30.72 27.76 5.26
N ASP A 297 -30.46 29.06 5.05
CA ASP A 297 -30.65 29.66 3.74
C ASP A 297 -29.73 29.01 2.70
N TYR A 298 -28.48 28.75 3.08
CA TYR A 298 -27.56 28.08 2.19
C TYR A 298 -28.05 26.68 1.83
N ILE A 299 -28.62 25.96 2.80
CA ILE A 299 -29.05 24.59 2.55
C ILE A 299 -30.30 24.58 1.66
N GLU A 300 -31.17 25.57 1.86
CA GLU A 300 -32.33 25.72 1.00
C GLU A 300 -31.97 25.95 -0.47
N GLN A 301 -30.71 26.33 -0.79
CA GLN A 301 -30.30 26.47 -2.18
C GLN A 301 -29.89 25.16 -2.85
N PHE A 302 -29.91 24.04 -2.14
CA PHE A 302 -29.43 22.77 -2.69
C PHE A 302 -30.59 21.78 -2.71
N GLU A 303 -31.06 21.43 -3.92
CA GLU A 303 -32.13 20.45 -4.06
C GLU A 303 -31.67 19.08 -3.60
N GLY A 304 -32.56 18.39 -2.88
CA GLY A 304 -32.28 17.07 -2.32
C GLY A 304 -31.37 17.08 -1.11
N VAL A 305 -31.12 18.24 -0.49
CA VAL A 305 -30.27 18.36 0.67
C VAL A 305 -31.01 19.18 1.73
N ASP A 306 -31.04 18.67 2.96
CA ASP A 306 -31.73 19.31 4.06
C ASP A 306 -30.88 19.20 5.32
N ALA A 307 -31.32 19.88 6.38
CA ALA A 307 -30.50 19.94 7.58
C ALA A 307 -31.39 20.17 8.79
N ILE A 308 -30.94 19.65 9.93
CA ILE A 308 -31.46 20.00 11.25
C ILE A 308 -30.38 20.80 11.98
N PHE A 309 -30.69 22.03 12.36
CA PHE A 309 -29.75 22.89 13.07
C PHE A 309 -30.10 22.93 14.54
N ILE A 310 -29.07 22.90 15.38
CA ILE A 310 -29.23 23.04 16.83
C ILE A 310 -28.37 24.21 17.29
N SER A 311 -29.02 25.23 17.83
CA SER A 311 -28.31 26.45 18.20
C SER A 311 -27.71 26.30 19.59
N LYS A 312 -26.83 27.27 19.91
CA LYS A 312 -26.23 27.28 21.23
C LYS A 312 -27.25 27.49 22.33
N GLU A 313 -28.40 28.08 22.02
CA GLU A 313 -29.45 28.24 23.01
C GLU A 313 -30.36 27.01 23.09
N LYS A 314 -29.96 25.89 22.48
CA LYS A 314 -30.69 24.62 22.54
C LYS A 314 -32.07 24.72 21.91
N LYS A 315 -32.16 25.43 20.79
CA LYS A 315 -33.37 25.40 19.98
C LYS A 315 -33.08 24.81 18.60
N VAL A 316 -34.10 24.14 18.04
CA VAL A 316 -33.93 23.19 16.94
C VAL A 316 -34.69 23.66 15.72
N TYR A 317 -34.01 23.68 14.55
CA TYR A 317 -34.54 24.18 13.29
C TYR A 317 -34.47 23.11 12.21
N GLU A 318 -35.49 23.10 11.34
CA GLU A 318 -35.58 22.19 10.21
C GLU A 318 -35.63 23.00 8.92
N THR A 319 -34.87 22.58 7.90
CA THR A 319 -35.12 23.14 6.59
C THR A 319 -36.44 22.60 6.03
N SER A 320 -36.83 23.15 4.88
CA SER A 320 -38.16 22.89 4.34
C SER A 320 -38.38 21.40 4.05
N GLY A 321 -37.40 20.74 3.44
CA GLY A 321 -37.49 19.32 3.14
C GLY A 321 -37.84 18.44 4.33
N LEU A 322 -37.56 18.93 5.56
CA LEU A 322 -37.68 18.15 6.77
C LEU A 322 -38.75 18.68 7.72
N LYS A 323 -39.45 19.75 7.34
CA LYS A 323 -40.30 20.45 8.29
C LYS A 323 -41.30 19.49 8.92
N GLY A 324 -41.31 19.41 10.25
CA GLY A 324 -42.24 18.55 10.96
C GLY A 324 -41.89 17.07 10.94
N GLN A 325 -40.70 16.71 10.50
CA GLN A 325 -40.33 15.30 10.47
C GLN A 325 -39.43 14.88 11.62
N PHE A 326 -38.65 15.80 12.18
CA PHE A 326 -37.85 15.50 13.37
C PHE A 326 -38.76 15.30 14.59
N GLU A 327 -38.50 14.23 15.34
CA GLU A 327 -39.25 13.93 16.55
C GLU A 327 -38.33 14.20 17.74
N LEU A 328 -38.52 15.36 18.37
CA LEU A 328 -37.74 15.75 19.54
C LEU A 328 -38.11 14.93 20.75
N THR A 329 -37.10 14.38 21.45
CA THR A 329 -37.29 13.66 22.69
C THR A 329 -36.64 14.28 23.92
N ASP A 330 -35.61 15.11 23.77
CA ASP A 330 -34.92 15.71 24.91
C ASP A 330 -35.57 17.05 25.26
N LYS A 331 -36.17 17.10 26.46
CA LYS A 331 -36.90 18.29 26.93
C LYS A 331 -36.01 19.52 27.09
N ASP A 332 -34.70 19.37 27.27
CA ASP A 332 -33.83 20.53 27.33
C ASP A 332 -33.78 21.31 26.03
N PHE A 333 -34.28 20.74 24.95
CA PHE A 333 -34.25 21.38 23.64
C PHE A 333 -35.67 21.76 23.25
N GLN A 334 -35.79 22.69 22.30
CA GLN A 334 -37.09 23.20 21.90
C GLN A 334 -37.13 23.42 20.41
N MET A 335 -38.20 22.96 19.76
CA MET A 335 -38.39 23.28 18.35
C MET A 335 -38.59 24.78 18.21
N ASP A 336 -38.04 25.35 17.14
CA ASP A 336 -38.26 26.76 16.86
C ASP A 336 -38.29 26.96 15.35
N THR A 337 -38.72 28.15 14.94
CA THR A 337 -38.77 28.47 13.52
C THR A 337 -38.28 29.91 13.31
N LEU A 338 -37.64 30.10 12.16
CA LEU A 338 -37.32 31.42 11.63
C LEU A 338 -38.59 32.19 11.25
N LYS B 16 -11.10 -2.00 -19.22
CA LYS B 16 -10.56 -2.19 -17.86
C LYS B 16 -9.05 -2.36 -17.91
N LEU B 17 -8.63 -3.13 -18.90
CA LEU B 17 -7.21 -3.41 -19.14
C LEU B 17 -6.78 -2.60 -20.35
N MET B 18 -5.54 -2.14 -20.32
CA MET B 18 -4.98 -1.40 -21.43
C MET B 18 -4.19 -2.33 -22.34
N ASP B 19 -4.17 -2.01 -23.64
CA ASP B 19 -3.36 -2.77 -24.57
C ASP B 19 -1.88 -2.48 -24.37
N GLN B 20 -1.56 -1.20 -24.17
CA GLN B 20 -0.21 -0.76 -23.88
C GLN B 20 -0.11 -0.47 -22.39
N PRO B 21 0.73 -1.17 -21.61
CA PRO B 21 0.73 -0.95 -20.15
C PRO B 21 1.33 0.40 -19.79
N TYR B 22 1.11 0.81 -18.55
CA TYR B 22 1.98 1.82 -17.95
C TYR B 22 3.31 1.15 -17.64
N SER B 23 4.41 1.85 -17.92
CA SER B 23 5.72 1.23 -17.75
C SER B 23 6.68 2.19 -17.07
N LYS B 24 7.58 1.65 -16.27
CA LYS B 24 8.66 2.44 -15.67
C LYS B 24 9.91 1.57 -15.58
N THR B 25 11.07 2.17 -15.90
CA THR B 25 12.33 1.45 -15.87
C THR B 25 13.35 2.15 -14.99
N ASP B 26 14.09 1.37 -14.22
CA ASP B 26 15.14 1.95 -13.41
C ASP B 26 16.29 0.96 -13.43
N PHE B 27 17.38 1.34 -12.78
CA PHE B 27 18.59 0.52 -12.72
C PHE B 27 18.99 0.45 -11.26
N LEU B 28 18.97 -0.75 -10.70
CA LEU B 28 19.12 -0.94 -9.26
C LEU B 28 19.71 -2.32 -9.01
N MET B 29 20.51 -2.42 -7.96
CA MET B 29 21.17 -3.67 -7.60
C MET B 29 21.97 -4.21 -8.78
N GLY B 30 22.49 -3.27 -9.59
CA GLY B 30 23.25 -3.64 -10.77
C GLY B 30 22.44 -4.30 -11.86
N THR B 31 21.15 -4.04 -11.93
CA THR B 31 20.37 -4.59 -13.03
C THR B 31 19.30 -3.62 -13.47
N VAL B 32 18.92 -3.72 -14.74
CA VAL B 32 17.74 -3.00 -15.22
C VAL B 32 16.51 -3.60 -14.54
N VAL B 33 15.60 -2.74 -14.07
CA VAL B 33 14.35 -3.15 -13.44
C VAL B 33 13.21 -2.43 -14.16
N THR B 34 12.25 -3.21 -14.68
CA THR B 34 11.08 -2.63 -15.33
C THR B 34 9.82 -3.16 -14.66
N LEU B 35 8.84 -2.30 -14.52
CA LEU B 35 7.54 -2.72 -14.03
C LEU B 35 6.53 -2.25 -15.06
N LYS B 36 5.57 -3.12 -15.36
CA LYS B 36 4.48 -2.77 -16.26
C LYS B 36 3.15 -3.06 -15.55
N ILE B 37 2.18 -2.19 -15.75
CA ILE B 37 0.85 -2.36 -15.18
C ILE B 37 -0.19 -2.07 -16.26
N TYR B 38 -1.09 -3.03 -16.50
CA TYR B 38 -2.10 -2.92 -17.56
C TYR B 38 -3.44 -2.39 -17.09
N ASP B 39 -3.66 -2.26 -15.78
CA ASP B 39 -4.92 -1.74 -15.28
C ASP B 39 -4.99 -0.24 -15.54
N LYS B 40 -6.02 0.19 -16.28
CA LYS B 40 -6.23 1.62 -16.52
C LYS B 40 -6.38 2.42 -15.22
N GLY B 41 -5.73 3.57 -15.16
CA GLY B 41 -5.82 4.45 -14.00
C GLY B 41 -4.89 4.15 -12.84
N LYS B 42 -3.99 3.17 -12.97
CA LYS B 42 -3.14 2.72 -11.86
C LYS B 42 -1.67 3.07 -12.09
N GLU B 43 -1.39 4.10 -12.89
CA GLU B 43 0.00 4.42 -13.18
C GLU B 43 0.78 4.80 -11.93
N ASP B 44 0.09 5.40 -10.95
CA ASP B 44 0.75 5.80 -9.71
C ASP B 44 1.33 4.62 -8.96
N VAL B 45 0.83 3.41 -9.22
CA VAL B 45 1.30 2.25 -8.47
C VAL B 45 2.71 1.88 -8.93
N LEU B 46 3.12 2.29 -10.13
CA LEU B 46 4.50 2.10 -10.53
C LEU B 46 5.43 2.75 -9.52
N ASP B 47 5.09 4.00 -9.11
CA ASP B 47 5.94 4.69 -8.16
C ASP B 47 5.89 4.03 -6.78
N LYS B 48 4.73 3.55 -6.37
CA LYS B 48 4.67 2.86 -5.08
C LYS B 48 5.51 1.58 -5.13
N GLY B 49 5.49 0.90 -6.27
CA GLY B 49 6.30 -0.30 -6.42
C GLY B 49 7.78 0.00 -6.38
N PHE B 50 8.21 1.07 -7.07
CA PHE B 50 9.65 1.38 -7.08
C PHE B 50 10.11 1.93 -5.72
N ASP B 51 9.23 2.66 -4.99
CA ASP B 51 9.54 3.04 -3.62
C ASP B 51 9.84 1.82 -2.75
N ARG B 52 9.01 0.79 -2.86
CA ARG B 52 9.18 -0.40 -2.04
C ARG B 52 10.50 -1.07 -2.37
N ILE B 53 10.77 -1.25 -3.66
CA ILE B 53 12.02 -1.87 -4.11
C ILE B 53 13.23 -1.16 -3.50
N LYS B 54 13.36 0.15 -3.77
CA LYS B 54 14.50 0.91 -3.24
C LYS B 54 14.58 0.83 -1.72
N ASP B 55 13.43 0.88 -1.04
CA ASP B 55 13.43 0.74 0.42
C ASP B 55 14.03 -0.60 0.83
N LEU B 56 13.51 -1.70 0.25
CA LEU B 56 14.01 -3.05 0.55
C LEU B 56 15.47 -3.23 0.15
N ALA B 57 15.82 -2.81 -1.06
CA ALA B 57 17.22 -2.89 -1.51
C ALA B 57 18.16 -2.23 -0.53
N ALA B 58 17.78 -1.07 0.02
CA ALA B 58 18.68 -0.32 0.88
C ALA B 58 18.93 -1.06 2.19
N LYS B 59 17.94 -1.81 2.69
CA LYS B 59 18.10 -2.57 3.93
C LYS B 59 18.97 -3.80 3.73
N ILE B 60 18.95 -4.36 2.54
CA ILE B 60 19.43 -5.72 2.26
C ILE B 60 20.82 -5.71 1.66
N THR B 61 21.13 -4.65 0.90
CA THR B 61 22.38 -4.58 0.15
C THR B 61 23.61 -4.63 1.06
N THR B 62 24.65 -5.32 0.60
CA THR B 62 25.96 -5.25 1.24
C THR B 62 26.98 -4.51 0.38
N SER B 63 26.55 -3.88 -0.72
CA SER B 63 27.40 -3.54 -1.85
C SER B 63 27.60 -2.02 -2.02
N ASP B 64 27.50 -1.26 -0.95
CA ASP B 64 27.60 0.20 -0.99
C ASP B 64 29.05 0.69 -0.88
N LYS B 67 25.33 3.52 2.62
CA LYS B 67 26.61 3.47 3.33
C LYS B 67 26.67 2.31 4.33
N THR B 68 25.59 2.07 5.06
CA THR B 68 25.58 0.98 6.05
C THR B 68 24.15 0.48 6.25
N SER B 69 23.83 -0.62 5.57
CA SER B 69 22.54 -1.29 5.63
C SER B 69 22.39 -2.05 6.95
N GLU B 70 21.16 -2.51 7.20
CA GLU B 70 20.95 -3.37 8.38
C GLU B 70 21.81 -4.64 8.29
N VAL B 71 21.98 -5.19 7.08
CA VAL B 71 22.81 -6.39 6.96
C VAL B 71 24.26 -6.07 7.33
N ASP B 72 24.80 -4.99 6.74
CA ASP B 72 26.11 -4.48 7.12
C ASP B 72 26.24 -4.32 8.62
N LYS B 73 25.18 -3.84 9.29
CA LYS B 73 25.30 -3.62 10.71
C LYS B 73 25.41 -4.93 11.46
N ILE B 74 24.57 -5.92 11.09
CA ILE B 74 24.71 -7.26 11.67
C ILE B 74 26.13 -7.78 11.44
N ASN B 75 26.66 -7.56 10.24
CA ASN B 75 28.00 -8.05 9.94
C ASN B 75 29.05 -7.35 10.79
N GLU B 76 28.88 -6.06 11.06
CA GLU B 76 29.88 -5.34 11.85
C GLU B 76 29.94 -5.83 13.29
N GLN B 77 28.83 -6.33 13.83
CA GLN B 77 28.77 -6.77 15.22
C GLN B 77 28.95 -8.26 15.36
N ALA B 78 29.32 -8.96 14.28
CA ALA B 78 29.65 -10.38 14.35
C ALA B 78 30.59 -10.68 15.52
N GLY B 79 30.21 -11.66 16.34
CA GLY B 79 31.00 -12.02 17.50
C GLY B 79 30.95 -10.99 18.60
N LYS B 80 30.20 -9.91 18.43
CA LYS B 80 30.18 -8.82 19.40
C LYS B 80 28.82 -8.71 20.10
N LYS B 81 27.72 -8.55 19.36
CA LYS B 81 26.42 -8.38 20.00
C LYS B 81 25.32 -8.55 18.99
N PRO B 82 24.15 -9.00 19.42
CA PRO B 82 23.02 -9.07 18.48
C PRO B 82 22.65 -7.68 17.98
N VAL B 83 22.00 -7.64 16.82
CA VAL B 83 21.63 -6.37 16.20
C VAL B 83 20.13 -6.36 15.91
N LYS B 84 19.45 -5.33 16.41
CA LYS B 84 18.05 -5.08 16.05
C LYS B 84 17.89 -4.80 14.56
N VAL B 85 16.89 -5.44 13.94
CA VAL B 85 16.62 -5.24 12.52
C VAL B 85 15.12 -5.08 12.32
N SER B 86 14.77 -4.44 11.21
CA SER B 86 13.37 -4.26 10.85
C SER B 86 12.73 -5.59 10.52
N GLU B 87 11.40 -5.59 10.45
CA GLU B 87 10.67 -6.83 10.18
C GLU B 87 11.04 -7.40 8.81
N ASP B 88 11.22 -6.53 7.82
CA ASP B 88 11.57 -7.00 6.48
C ASP B 88 12.82 -7.86 6.52
N VAL B 89 13.86 -7.34 7.19
CA VAL B 89 15.15 -8.02 7.24
C VAL B 89 15.07 -9.25 8.13
N TYR B 90 14.34 -9.14 9.23
CA TYR B 90 14.18 -10.29 10.10
C TYR B 90 13.51 -11.42 9.36
N TYR B 91 12.43 -11.11 8.63
CA TYR B 91 11.76 -12.12 7.82
C TYR B 91 12.70 -12.73 6.80
N LEU B 92 13.46 -11.89 6.09
CA LEU B 92 14.24 -12.40 4.98
C LEU B 92 15.33 -13.36 5.47
N ILE B 93 15.95 -13.04 6.60
CA ILE B 93 16.99 -13.90 7.14
C ILE B 93 16.41 -15.21 7.63
N GLN B 94 15.22 -15.17 8.24
CA GLN B 94 14.50 -16.39 8.60
C GLN B 94 14.35 -17.34 7.42
N GLU B 95 13.92 -16.81 6.28
CA GLU B 95 13.70 -17.69 5.15
C GLU B 95 15.02 -18.15 4.56
N GLY B 96 16.04 -17.29 4.62
CA GLY B 96 17.35 -17.67 4.15
C GLY B 96 17.94 -18.81 4.97
N LEU B 97 17.73 -18.79 6.28
CA LEU B 97 18.15 -19.92 7.09
C LEU B 97 17.39 -21.19 6.71
N LYS B 98 16.11 -21.06 6.33
CA LYS B 98 15.32 -22.24 5.96
C LYS B 98 15.82 -22.83 4.66
N TYR B 99 15.99 -22.00 3.61
CA TYR B 99 16.60 -22.48 2.39
C TYR B 99 17.99 -23.03 2.64
N SER B 100 18.70 -22.50 3.63
CA SER B 100 20.04 -22.99 3.92
C SER B 100 19.99 -24.42 4.44
N GLU B 101 19.17 -24.68 5.44
CA GLU B 101 19.02 -26.05 5.94
C GLU B 101 18.48 -26.97 4.85
N ASN B 102 17.38 -26.55 4.20
CA ASN B 102 16.75 -27.35 3.15
C ASN B 102 17.75 -27.82 2.08
N SER B 103 18.77 -27.02 1.80
CA SER B 103 19.74 -27.35 0.76
C SER B 103 20.89 -28.23 1.22
N GLY B 104 20.98 -28.52 2.52
CA GLY B 104 22.12 -29.26 3.00
C GLY B 104 23.41 -28.47 2.94
N GLY B 105 23.34 -27.16 3.19
CA GLY B 105 24.51 -26.32 3.27
C GLY B 105 25.08 -25.84 1.95
N SER B 106 24.73 -26.45 0.81
CA SER B 106 25.22 -25.90 -0.46
C SER B 106 24.72 -24.47 -0.69
N PHE B 107 23.62 -24.07 -0.05
CA PHE B 107 23.17 -22.69 -0.04
C PHE B 107 23.30 -22.20 1.39
N ASP B 108 23.92 -21.04 1.59
CA ASP B 108 24.20 -20.58 2.95
C ASP B 108 24.32 -19.06 2.97
N ILE B 109 23.40 -18.40 3.66
CA ILE B 109 23.43 -16.95 3.68
C ILE B 109 24.63 -16.41 4.44
N THR B 110 25.48 -17.29 5.02
CA THR B 110 26.70 -16.83 5.68
C THR B 110 27.92 -16.96 4.76
N ILE B 111 27.72 -17.09 3.46
CA ILE B 111 28.81 -17.25 2.50
C ILE B 111 29.50 -15.90 2.30
N GLY B 112 29.03 -14.89 3.02
CA GLY B 112 29.53 -13.52 2.91
C GLY B 112 31.03 -13.33 2.81
N PRO B 113 31.80 -13.90 3.75
CA PRO B 113 33.27 -13.76 3.65
C PRO B 113 33.84 -14.31 2.35
N LEU B 114 33.20 -15.33 1.78
CA LEU B 114 33.69 -15.88 0.54
C LEU B 114 33.27 -15.03 -0.66
N THR B 115 32.01 -14.57 -0.70
CA THR B 115 31.58 -13.78 -1.84
C THR B 115 32.18 -12.39 -1.83
N SER B 116 32.58 -11.89 -0.65
CA SER B 116 33.35 -10.65 -0.57
C SER B 116 34.77 -10.84 -1.09
N LEU B 117 35.32 -12.04 -0.95
CA LEU B 117 36.66 -12.33 -1.45
C LEU B 117 36.72 -12.23 -2.98
N TRP B 118 35.91 -13.04 -3.66
CA TRP B 118 35.86 -13.01 -5.12
C TRP B 118 35.30 -11.69 -5.61
N HIS B 119 34.14 -11.34 -5.07
CA HIS B 119 33.42 -10.09 -5.27
C HIS B 119 33.04 -10.01 -6.76
N ILE B 120 32.55 -11.15 -7.28
CA ILE B 120 32.22 -11.27 -8.71
C ILE B 120 31.08 -10.32 -9.07
N GLY B 121 31.23 -9.64 -10.21
CA GLY B 121 30.24 -8.68 -10.65
C GLY B 121 30.55 -7.24 -10.28
N PHE B 122 31.67 -6.99 -9.61
CA PHE B 122 32.18 -5.67 -9.31
C PHE B 122 33.51 -5.52 -10.02
N SER B 123 33.97 -4.28 -10.17
CA SER B 123 35.14 -4.08 -11.02
C SER B 123 36.43 -4.53 -10.34
N ASP B 124 36.39 -4.84 -9.05
CA ASP B 124 37.54 -5.41 -8.35
C ASP B 124 37.43 -6.92 -8.15
N ALA B 125 36.57 -7.59 -8.92
CA ALA B 125 36.47 -9.05 -8.88
C ALA B 125 37.80 -9.70 -9.24
N ARG B 126 38.15 -10.73 -8.50
CA ARG B 126 39.42 -11.40 -8.69
C ARG B 126 39.26 -12.86 -8.26
N LYS B 127 40.20 -13.69 -8.72
CA LYS B 127 40.32 -15.04 -8.21
C LYS B 127 41.21 -14.98 -6.98
N PRO B 128 40.69 -15.16 -5.78
CA PRO B 128 41.55 -15.16 -4.59
C PRO B 128 42.44 -16.39 -4.60
N SER B 129 43.55 -16.27 -3.89
CA SER B 129 44.43 -17.41 -3.73
C SER B 129 43.80 -18.45 -2.80
N GLN B 130 44.28 -19.68 -2.92
CA GLN B 130 43.69 -20.75 -2.12
C GLN B 130 43.81 -20.44 -0.62
N ALA B 131 44.96 -19.95 -0.18
CA ALA B 131 45.15 -19.66 1.25
C ALA B 131 44.12 -18.67 1.76
N GLU B 132 43.78 -17.66 0.93
CA GLU B 132 42.72 -16.73 1.33
C GLU B 132 41.40 -17.44 1.46
N ILE B 133 41.08 -18.31 0.51
CA ILE B 133 39.82 -19.05 0.57
C ILE B 133 39.79 -19.95 1.81
N ASP B 134 40.92 -20.58 2.11
CA ASP B 134 40.96 -21.50 3.24
C ASP B 134 40.73 -20.75 4.54
N ALA B 135 41.12 -19.47 4.59
CA ALA B 135 40.94 -18.71 5.82
C ALA B 135 39.48 -18.35 6.08
N VAL B 136 38.62 -18.32 5.05
CA VAL B 136 37.22 -17.93 5.23
C VAL B 136 36.25 -19.12 5.27
N LEU B 137 36.59 -20.26 4.67
CA LEU B 137 35.66 -21.38 4.71
C LEU B 137 35.19 -21.77 6.11
N PRO B 138 36.02 -21.72 7.17
CA PRO B 138 35.49 -22.08 8.50
C PRO B 138 34.49 -21.05 9.03
N LEU B 139 34.41 -19.87 8.43
CA LEU B 139 33.40 -18.90 8.86
C LEU B 139 32.02 -19.18 8.27
N ILE B 140 31.93 -20.07 7.29
CA ILE B 140 30.69 -20.30 6.54
C ILE B 140 29.93 -21.37 7.30
N ASN B 141 28.84 -20.98 7.98
CA ASN B 141 28.04 -21.92 8.75
C ASN B 141 26.71 -21.29 9.19
N TYR B 142 25.65 -21.57 8.45
CA TYR B 142 24.35 -20.94 8.68
C TYR B 142 23.81 -21.22 10.08
N LYS B 143 24.22 -22.32 10.72
CA LYS B 143 23.77 -22.60 12.07
C LYS B 143 24.31 -21.61 13.11
N ASP B 144 25.31 -20.80 12.77
CA ASP B 144 25.85 -19.81 13.68
C ASP B 144 25.09 -18.49 13.61
N VAL B 145 23.90 -18.48 13.03
CA VAL B 145 23.08 -17.28 12.98
C VAL B 145 22.05 -17.42 14.08
N LYS B 146 22.20 -16.64 15.17
CA LYS B 146 21.35 -16.74 16.35
C LYS B 146 20.21 -15.74 16.23
N MET B 147 19.00 -16.26 16.05
CA MET B 147 17.79 -15.46 15.82
C MET B 147 17.05 -15.32 17.13
N ASN B 148 16.58 -14.11 17.43
CA ASN B 148 15.75 -13.90 18.61
C ASN B 148 14.44 -13.26 18.19
N ASP B 149 13.34 -14.03 18.25
CA ASP B 149 12.07 -13.53 17.72
C ASP B 149 11.52 -12.39 18.58
N LYS B 150 11.64 -12.50 19.91
CA LYS B 150 11.08 -11.45 20.75
C LYS B 150 11.81 -10.13 20.50
N ASP B 151 13.14 -10.15 20.54
CA ASP B 151 13.89 -8.91 20.40
C ASP B 151 14.09 -8.48 18.96
N GLN B 152 13.73 -9.31 17.97
CA GLN B 152 13.96 -9.02 16.55
C GLN B 152 15.42 -8.68 16.29
N THR B 153 16.30 -9.47 16.88
CA THR B 153 17.73 -9.28 16.73
C THR B 153 18.33 -10.48 16.03
N VAL B 154 19.39 -10.22 15.27
CA VAL B 154 20.18 -11.23 14.58
C VAL B 154 21.60 -11.10 15.08
N TYR B 155 22.23 -12.23 15.38
CA TYR B 155 23.58 -12.25 15.93
C TYR B 155 24.38 -13.31 15.19
N LEU B 156 25.49 -12.90 14.59
CA LEU B 156 26.44 -13.85 14.04
C LEU B 156 27.39 -14.27 15.16
N GLU B 157 27.58 -15.58 15.31
CA GLU B 157 28.24 -16.14 16.50
C GLU B 157 29.71 -15.74 16.59
N LYS B 158 30.46 -15.87 15.49
CA LYS B 158 31.90 -15.65 15.48
C LYS B 158 32.28 -14.37 14.73
N GLU B 159 33.34 -13.71 15.20
CA GLU B 159 33.92 -12.63 14.42
C GLU B 159 34.37 -13.11 13.05
N GLY B 160 34.24 -12.21 12.07
CA GLY B 160 34.60 -12.47 10.69
C GLY B 160 33.45 -12.95 9.82
N MET B 161 32.35 -13.39 10.44
CA MET B 161 31.20 -13.87 9.69
C MET B 161 30.53 -12.72 8.96
N GLU B 162 30.07 -12.98 7.75
CA GLU B 162 29.31 -11.98 7.00
C GLU B 162 28.09 -12.63 6.38
N LEU B 163 26.93 -12.01 6.55
CA LEU B 163 25.72 -12.41 5.85
C LEU B 163 25.74 -11.90 4.42
N ASP B 164 25.14 -12.67 3.54
CA ASP B 164 24.99 -12.28 2.15
C ASP B 164 23.64 -12.81 1.69
N LEU B 165 22.70 -11.92 1.45
CA LEU B 165 21.35 -12.29 1.06
C LEU B 165 21.12 -12.12 -0.44
N GLY B 166 22.20 -11.93 -1.21
CA GLY B 166 22.05 -11.68 -2.64
C GLY B 166 21.24 -12.74 -3.38
N ALA B 167 21.29 -13.98 -2.91
CA ALA B 167 20.64 -15.07 -3.63
C ALA B 167 19.14 -15.17 -3.36
N ILE B 168 18.59 -14.37 -2.43
CA ILE B 168 17.14 -14.32 -2.28
C ILE B 168 16.64 -12.89 -2.23
N ALA B 169 17.51 -11.92 -2.48
CA ALA B 169 17.08 -10.52 -2.39
C ALA B 169 16.02 -10.19 -3.43
N LYS B 170 16.27 -10.52 -4.69
CA LYS B 170 15.34 -10.09 -5.73
C LYS B 170 14.04 -10.90 -5.68
N GLY B 171 14.10 -12.15 -5.24
CA GLY B 171 12.88 -12.92 -5.07
C GLY B 171 11.98 -12.33 -4.02
N PHE B 172 12.54 -12.04 -2.83
CA PHE B 172 11.79 -11.34 -1.78
C PHE B 172 11.22 -10.03 -2.29
N ILE B 173 12.07 -9.21 -2.94
CA ILE B 173 11.65 -7.88 -3.37
C ILE B 173 10.55 -7.99 -4.42
N THR B 174 10.66 -8.98 -5.33
CA THR B 174 9.58 -9.24 -6.30
C THR B 174 8.28 -9.57 -5.60
N ASP B 175 8.32 -10.50 -4.64
CA ASP B 175 7.10 -10.84 -3.91
C ASP B 175 6.55 -9.62 -3.18
N GLU B 176 7.44 -8.82 -2.59
CA GLU B 176 6.96 -7.60 -1.92
C GLU B 176 6.38 -6.62 -2.93
N THR B 177 6.98 -6.50 -4.11
CA THR B 177 6.40 -5.64 -5.14
C THR B 177 5.00 -6.09 -5.52
N LEU B 178 4.81 -7.41 -5.70
CA LEU B 178 3.48 -7.93 -6.01
C LEU B 178 2.49 -7.59 -4.91
N LYS B 179 2.94 -7.65 -3.64
CA LYS B 179 2.07 -7.33 -2.53
C LYS B 179 1.59 -5.89 -2.64
N VAL B 180 2.52 -4.97 -2.88
CA VAL B 180 2.16 -3.56 -3.12
C VAL B 180 1.14 -3.47 -4.24
N PHE B 181 1.38 -4.19 -5.33
CA PHE B 181 0.46 -4.13 -6.46
C PHE B 181 -0.94 -4.57 -6.04
N LYS B 182 -1.03 -5.69 -5.31
CA LYS B 182 -2.33 -6.22 -4.93
C LYS B 182 -3.01 -5.32 -3.88
N GLU B 183 -2.23 -4.65 -3.00
CA GLU B 183 -2.88 -3.70 -2.10
C GLU B 183 -3.54 -2.57 -2.85
N ASN B 184 -3.01 -2.19 -4.02
CA ASN B 184 -3.56 -1.14 -4.85
C ASN B 184 -4.47 -1.67 -5.95
N LYS B 185 -4.93 -2.92 -5.82
CA LYS B 185 -5.95 -3.54 -6.67
C LYS B 185 -5.49 -3.69 -8.13
N VAL B 186 -4.17 -3.68 -8.36
CA VAL B 186 -3.65 -4.04 -9.67
C VAL B 186 -3.97 -5.51 -9.92
N THR B 187 -4.39 -5.85 -11.14
CA THR B 187 -4.71 -7.22 -11.51
C THR B 187 -3.81 -7.82 -12.57
N THR B 188 -3.23 -6.98 -13.44
CA THR B 188 -2.52 -7.45 -14.63
C THR B 188 -1.26 -6.63 -14.78
N SER B 189 -0.10 -7.31 -14.72
CA SER B 189 1.17 -6.60 -14.57
C SER B 189 2.32 -7.56 -14.85
N ILE B 190 3.50 -6.97 -15.03
CA ILE B 190 4.72 -7.75 -15.22
C ILE B 190 5.81 -7.11 -14.39
N ILE B 191 6.41 -7.89 -13.49
CA ILE B 191 7.52 -7.45 -12.66
C ILE B 191 8.78 -8.10 -13.19
N ASP B 192 9.77 -7.29 -13.56
CA ASP B 192 11.02 -7.77 -14.12
C ASP B 192 12.19 -7.19 -13.35
N LEU B 193 12.81 -8.02 -12.50
CA LEU B 193 14.01 -7.64 -11.76
C LEU B 193 15.27 -8.30 -12.31
N GLY B 194 15.41 -8.38 -13.63
CA GLY B 194 16.56 -9.08 -14.20
C GLY B 194 16.29 -10.58 -14.36
N GLY B 195 16.95 -11.40 -13.52
CA GLY B 195 16.74 -12.84 -13.48
C GLY B 195 15.49 -13.27 -12.77
N ASN B 196 14.62 -12.32 -12.47
CA ASN B 196 13.42 -12.54 -11.68
C ASN B 196 12.24 -11.88 -12.39
N ILE B 197 11.38 -12.72 -12.97
CA ILE B 197 10.14 -12.33 -13.63
C ILE B 197 8.94 -12.83 -12.86
N TYR B 198 7.94 -11.97 -12.69
CA TYR B 198 6.63 -12.36 -12.21
C TYR B 198 5.55 -11.80 -13.13
N VAL B 199 4.62 -12.65 -13.58
CA VAL B 199 3.51 -12.27 -14.44
C VAL B 199 2.21 -12.43 -13.65
N GLN B 200 1.41 -11.37 -13.57
CA GLN B 200 0.16 -11.37 -12.84
C GLN B 200 -0.99 -11.31 -13.82
N GLY B 201 -2.01 -12.12 -13.59
CA GLY B 201 -3.15 -12.16 -14.48
C GLY B 201 -2.78 -12.76 -15.82
N ASN B 202 -3.65 -12.50 -16.80
CA ASN B 202 -3.42 -12.92 -18.17
C ASN B 202 -3.07 -11.72 -19.03
N ASN B 203 -2.51 -12.02 -20.20
CA ASN B 203 -2.44 -11.03 -21.26
C ASN B 203 -3.83 -10.46 -21.48
N PRO B 204 -3.98 -9.15 -21.69
CA PRO B 204 -5.30 -8.58 -21.94
C PRO B 204 -6.05 -9.24 -23.11
N ASN B 205 -5.33 -9.84 -24.04
CA ASN B 205 -6.02 -10.54 -25.12
C ASN B 205 -6.61 -11.87 -24.66
N GLY B 206 -6.41 -12.24 -23.39
CA GLY B 206 -6.99 -13.44 -22.82
C GLY B 206 -6.04 -14.63 -22.71
N ASN B 207 -4.89 -14.58 -23.39
CA ASN B 207 -3.93 -15.67 -23.33
C ASN B 207 -3.09 -15.56 -22.07
N LYS B 208 -2.47 -16.68 -21.69
CA LYS B 208 -1.41 -16.62 -20.70
C LYS B 208 -0.24 -15.82 -21.27
N TRP B 209 0.62 -15.33 -20.37
CA TRP B 209 1.79 -14.59 -20.80
C TRP B 209 2.83 -15.56 -21.38
N ASN B 210 3.51 -15.13 -22.45
CA ASN B 210 4.56 -15.91 -23.08
C ASN B 210 5.90 -15.54 -22.46
N VAL B 211 6.35 -16.32 -21.49
CA VAL B 211 7.56 -16.01 -20.73
C VAL B 211 8.77 -16.58 -21.45
N GLY B 212 9.68 -15.70 -21.86
CA GLY B 212 10.90 -16.17 -22.49
C GLY B 212 11.77 -16.91 -21.50
N ILE B 213 12.35 -18.03 -21.95
CA ILE B 213 13.30 -18.81 -21.17
C ILE B 213 14.70 -18.40 -21.62
N GLN B 214 15.49 -17.88 -20.68
CA GLN B 214 16.79 -17.29 -21.00
C GLN B 214 17.72 -18.30 -21.66
N ASP B 215 18.42 -17.84 -22.70
CA ASP B 215 19.51 -18.56 -23.36
C ASP B 215 20.76 -18.37 -22.52
N PRO B 216 21.21 -19.41 -21.80
CA PRO B 216 22.33 -19.21 -20.87
C PRO B 216 23.63 -18.81 -21.53
N PHE B 217 23.77 -19.02 -22.84
CA PHE B 217 24.98 -18.68 -23.56
C PHE B 217 24.97 -17.27 -24.13
N SER B 218 23.89 -16.51 -23.98
CA SER B 218 23.72 -15.20 -24.60
C SER B 218 23.38 -14.18 -23.51
N PRO B 219 23.51 -12.88 -23.82
CA PRO B 219 23.22 -11.87 -22.82
C PRO B 219 21.77 -11.91 -22.34
N ARG B 220 21.57 -11.38 -21.14
CA ARG B 220 20.25 -11.35 -20.56
C ARG B 220 19.25 -10.77 -21.56
N GLY B 221 18.13 -11.46 -21.72
CA GLY B 221 17.10 -11.07 -22.67
C GLY B 221 17.00 -11.97 -23.87
N SER B 222 18.10 -12.54 -24.33
CA SER B 222 18.03 -13.57 -25.36
C SER B 222 17.40 -14.82 -24.78
N VAL B 223 16.62 -15.51 -25.60
CA VAL B 223 15.80 -16.63 -25.17
C VAL B 223 15.97 -17.79 -26.12
N ILE B 224 15.65 -19.00 -25.63
CA ILE B 224 15.60 -20.19 -26.46
C ILE B 224 14.18 -20.67 -26.72
N GLY B 225 13.19 -20.05 -26.08
CA GLY B 225 11.83 -20.51 -26.21
C GLY B 225 10.91 -19.76 -25.25
N LYS B 226 9.65 -20.22 -25.24
CA LYS B 226 8.57 -19.58 -24.49
C LYS B 226 7.90 -20.62 -23.61
N LEU B 227 7.50 -20.19 -22.42
CA LEU B 227 6.70 -21.00 -21.51
C LEU B 227 5.46 -20.19 -21.14
N PRO B 228 4.25 -20.66 -21.44
CA PRO B 228 3.06 -19.88 -21.11
C PRO B 228 2.77 -19.96 -19.62
N GLU B 229 2.61 -18.80 -18.97
CA GLU B 229 2.42 -18.76 -17.53
C GLU B 229 1.47 -17.63 -17.14
N SER B 230 0.68 -17.90 -16.10
CA SER B 230 -0.20 -16.91 -15.49
C SER B 230 -0.03 -17.00 -13.98
N ASN B 231 0.08 -15.84 -13.33
CA ASN B 231 0.18 -15.73 -11.88
C ASN B 231 1.33 -16.57 -11.34
N MET B 232 2.53 -16.32 -11.87
CA MET B 232 3.61 -17.24 -11.60
C MET B 232 4.95 -16.50 -11.63
N SER B 233 5.88 -16.98 -10.81
CA SER B 233 7.26 -16.51 -10.83
C SER B 233 8.13 -17.41 -11.71
N ILE B 234 9.06 -16.79 -12.43
CA ILE B 234 10.07 -17.52 -13.17
C ILE B 234 11.40 -16.88 -12.85
N VAL B 235 12.31 -17.65 -12.24
CA VAL B 235 13.61 -17.14 -11.84
C VAL B 235 14.66 -17.90 -12.62
N THR B 236 15.63 -17.18 -13.15
CA THR B 236 16.65 -17.75 -14.01
C THR B 236 18.02 -17.64 -13.37
N SER B 237 18.81 -18.71 -13.51
CA SER B 237 20.20 -18.72 -13.09
C SER B 237 21.04 -19.33 -14.21
N GLY B 238 22.27 -18.83 -14.37
CA GLY B 238 23.10 -19.28 -15.47
C GLY B 238 24.58 -19.06 -15.18
N ILE B 239 25.40 -19.83 -15.92
CA ILE B 239 26.85 -19.75 -15.74
C ILE B 239 27.50 -18.55 -16.40
N TYR B 240 26.74 -17.71 -17.11
CA TYR B 240 27.29 -16.51 -17.73
C TYR B 240 26.54 -15.23 -17.35
N GLU B 241 25.74 -15.28 -16.28
CA GLU B 241 24.98 -14.10 -15.83
C GLU B 241 25.86 -13.04 -15.18
N ARG B 242 26.71 -13.45 -14.25
CA ARG B 242 27.57 -12.52 -13.51
C ARG B 242 28.88 -13.30 -13.34
N TYR B 243 29.93 -12.98 -14.07
CA TYR B 243 31.09 -13.85 -13.96
C TYR B 243 32.37 -13.06 -14.10
N LEU B 244 33.46 -13.69 -13.64
CA LEU B 244 34.81 -13.17 -13.77
C LEU B 244 35.55 -14.00 -14.81
N GLU B 245 36.29 -13.31 -15.67
CA GLU B 245 37.08 -13.94 -16.70
C GLU B 245 38.55 -13.60 -16.45
N VAL B 246 39.39 -14.62 -16.25
CA VAL B 246 40.82 -14.39 -16.10
C VAL B 246 41.56 -15.61 -16.64
N ASP B 247 42.70 -15.36 -17.30
CA ASP B 247 43.46 -16.35 -18.07
C ASP B 247 42.56 -17.25 -18.91
N GLY B 248 41.65 -16.61 -19.65
CA GLY B 248 40.76 -17.29 -20.59
C GLY B 248 39.87 -18.33 -19.95
N LYS B 249 39.68 -18.25 -18.64
CA LYS B 249 38.80 -19.12 -17.86
C LYS B 249 37.74 -18.28 -17.15
N THR B 250 36.56 -18.85 -16.93
CA THR B 250 35.50 -18.06 -16.33
C THR B 250 35.01 -18.67 -15.02
N TYR B 251 34.54 -17.77 -14.16
CA TYR B 251 34.15 -18.03 -12.78
C TYR B 251 32.84 -17.30 -12.52
N HIS B 252 31.75 -18.05 -12.46
CA HIS B 252 30.44 -17.47 -12.24
C HIS B 252 30.18 -17.29 -10.75
N HIS B 253 29.13 -16.53 -10.43
CA HIS B 253 28.97 -15.95 -9.10
C HIS B 253 28.26 -16.86 -8.11
N ILE B 254 27.97 -18.11 -8.48
CA ILE B 254 27.21 -19.04 -7.65
C ILE B 254 28.23 -19.97 -7.03
N LEU B 255 28.66 -19.67 -5.80
CA LEU B 255 29.84 -20.29 -5.20
C LEU B 255 29.49 -21.47 -4.30
N ASP B 256 30.30 -22.51 -4.37
CA ASP B 256 30.15 -23.63 -3.46
C ASP B 256 30.69 -23.26 -2.08
N PRO B 257 29.84 -23.21 -1.05
CA PRO B 257 30.31 -22.75 0.28
C PRO B 257 31.37 -23.64 0.91
N LYS B 258 31.53 -24.89 0.46
CA LYS B 258 32.46 -25.82 1.05
C LYS B 258 33.60 -26.09 0.09
N THR B 259 33.65 -25.33 -0.98
CA THR B 259 34.77 -25.31 -1.92
C THR B 259 35.42 -23.94 -2.02
N GLY B 260 34.66 -22.87 -1.90
CA GLY B 260 35.18 -21.57 -2.24
C GLY B 260 35.23 -21.28 -3.72
N TYR B 261 34.88 -22.25 -4.56
CA TYR B 261 34.88 -22.01 -6.00
C TYR B 261 33.47 -22.10 -6.56
N PRO B 262 33.23 -21.63 -7.78
CA PRO B 262 31.91 -21.78 -8.37
C PRO B 262 31.55 -23.25 -8.62
N PHE B 263 30.26 -23.55 -8.50
CA PHE B 263 29.77 -24.89 -8.82
C PHE B 263 30.11 -25.25 -10.26
N ASP B 264 30.64 -26.46 -10.43
CA ASP B 264 31.21 -27.00 -11.67
C ASP B 264 30.46 -28.30 -11.97
N ASN B 265 29.50 -28.23 -12.89
CA ASN B 265 28.78 -29.43 -13.31
C ASN B 265 28.20 -29.18 -14.71
N ASP B 266 27.19 -29.97 -15.11
CA ASP B 266 26.70 -29.95 -16.49
C ASP B 266 25.59 -28.92 -16.73
N ILE B 267 25.17 -28.20 -15.70
CA ILE B 267 24.15 -27.18 -15.86
C ILE B 267 24.78 -25.95 -16.49
N ALA B 268 24.12 -25.41 -17.52
CA ALA B 268 24.43 -24.09 -18.04
C ALA B 268 23.41 -23.06 -17.59
N GLY B 269 22.14 -23.43 -17.53
CA GLY B 269 21.12 -22.53 -17.01
C GLY B 269 19.97 -23.32 -16.41
N VAL B 270 19.23 -22.65 -15.53
CA VAL B 270 18.02 -23.22 -14.97
C VAL B 270 17.02 -22.11 -14.78
N SER B 271 15.77 -22.35 -15.19
CA SER B 271 14.67 -21.45 -14.88
C SER B 271 13.73 -22.18 -13.94
N ILE B 272 13.47 -21.61 -12.77
CA ILE B 272 12.60 -22.24 -11.79
C ILE B 272 11.28 -21.50 -11.80
N VAL B 273 10.19 -22.26 -11.98
CA VAL B 273 8.82 -21.76 -12.09
C VAL B 273 8.11 -22.09 -10.80
N SER B 274 7.54 -21.09 -10.13
CA SER B 274 6.93 -21.31 -8.82
C SER B 274 5.92 -20.21 -8.55
N LYS B 275 5.13 -20.40 -7.49
CA LYS B 275 4.14 -19.39 -7.12
C LYS B 275 4.81 -18.17 -6.52
N LYS B 276 5.90 -18.37 -5.76
CA LYS B 276 6.59 -17.31 -5.03
C LYS B 276 7.97 -17.08 -5.63
N SER B 277 8.30 -15.81 -5.86
CA SER B 277 9.62 -15.50 -6.44
C SER B 277 10.74 -15.87 -5.48
N ILE B 278 10.54 -15.66 -4.18
CA ILE B 278 11.61 -16.00 -3.26
C ILE B 278 11.91 -17.50 -3.26
N ASP B 279 10.92 -18.36 -3.49
CA ASP B 279 11.23 -19.79 -3.61
C ASP B 279 12.08 -20.05 -4.84
N GLY B 280 11.76 -19.39 -5.95
CA GLY B 280 12.59 -19.41 -7.12
C GLY B 280 14.03 -18.99 -6.86
N ASP B 281 14.26 -17.79 -6.31
CA ASP B 281 15.61 -17.46 -5.84
C ASP B 281 16.17 -18.50 -4.90
N GLY B 282 15.42 -18.84 -3.86
CA GLY B 282 15.90 -19.74 -2.85
C GLY B 282 16.41 -21.05 -3.43
N LEU B 283 15.55 -21.76 -4.16
CA LEU B 283 15.87 -23.10 -4.57
C LEU B 283 16.94 -23.14 -5.65
N SER B 284 17.34 -21.98 -6.18
CA SER B 284 18.22 -21.93 -7.35
C SER B 284 19.62 -22.49 -7.05
N THR B 285 20.21 -22.14 -5.91
CA THR B 285 21.60 -22.49 -5.64
C THR B 285 21.75 -23.99 -5.38
N ALA B 286 20.93 -24.54 -4.50
CA ALA B 286 20.98 -25.98 -4.30
C ALA B 286 20.75 -26.70 -5.61
N THR B 287 19.93 -26.11 -6.48
CA THR B 287 19.70 -26.74 -7.77
C THR B 287 20.99 -26.79 -8.58
N PHE B 288 21.64 -25.63 -8.80
CA PHE B 288 23.06 -25.66 -9.23
C PHE B 288 24.02 -26.59 -8.53
N SER B 289 23.90 -26.79 -7.23
CA SER B 289 24.90 -27.66 -6.62
C SER B 289 24.77 -29.11 -7.06
N LYS B 290 23.66 -29.50 -7.69
CA LYS B 290 23.34 -30.90 -7.88
C LYS B 290 23.42 -31.35 -9.33
N GLY B 291 23.76 -30.47 -10.26
CA GLY B 291 23.81 -30.85 -11.66
C GLY B 291 22.41 -31.14 -12.17
N ILE B 292 22.32 -31.45 -13.46
CA ILE B 292 21.02 -31.53 -14.12
C ILE B 292 20.20 -32.68 -13.55
N LYS B 293 20.71 -33.90 -13.71
CA LYS B 293 19.95 -35.07 -13.31
C LYS B 293 19.63 -34.99 -11.81
N GLY B 294 20.60 -34.55 -10.99
CA GLY B 294 20.33 -34.38 -9.58
C GLY B 294 19.43 -33.21 -9.22
N GLY B 295 19.47 -32.13 -10.01
CA GLY B 295 18.72 -30.92 -9.71
C GLY B 295 17.26 -31.07 -10.08
N MET B 296 17.01 -31.72 -11.22
CA MET B 296 15.65 -32.16 -11.50
C MET B 296 15.08 -32.96 -10.35
N ASP B 297 15.85 -33.91 -9.81
CA ASP B 297 15.35 -34.70 -8.69
C ASP B 297 15.06 -33.83 -7.48
N TYR B 298 15.96 -32.89 -7.16
CA TYR B 298 15.71 -31.99 -6.05
C TYR B 298 14.42 -31.21 -6.26
N ILE B 299 14.19 -30.74 -7.49
CA ILE B 299 13.01 -29.90 -7.76
C ILE B 299 11.74 -30.72 -7.71
N GLU B 300 11.81 -31.97 -8.18
CA GLU B 300 10.69 -32.89 -8.06
C GLU B 300 10.26 -33.11 -6.61
N GLN B 301 11.14 -32.84 -5.63
CA GLN B 301 10.77 -33.02 -4.22
C GLN B 301 9.89 -31.88 -3.69
N PHE B 302 9.72 -30.80 -4.44
CA PHE B 302 8.97 -29.64 -3.98
C PHE B 302 7.68 -29.53 -4.77
N GLU B 303 6.53 -29.58 -4.10
CA GLU B 303 5.25 -29.36 -4.77
C GLU B 303 5.04 -27.88 -5.07
N GLY B 304 4.45 -27.61 -6.23
CA GLY B 304 4.22 -26.26 -6.68
C GLY B 304 5.44 -25.59 -7.30
N VAL B 305 6.52 -26.34 -7.52
CA VAL B 305 7.78 -25.80 -8.00
C VAL B 305 8.26 -26.67 -9.15
N ASP B 306 8.64 -26.03 -10.27
CA ASP B 306 9.12 -26.76 -11.42
C ASP B 306 10.26 -26.00 -12.07
N ALA B 307 11.01 -26.69 -12.93
CA ALA B 307 12.16 -26.07 -13.56
C ALA B 307 12.34 -26.55 -15.00
N ILE B 308 12.93 -25.67 -15.80
CA ILE B 308 13.50 -26.01 -17.11
C ILE B 308 15.01 -25.92 -16.97
N PHE B 309 15.71 -26.99 -17.31
CA PHE B 309 17.17 -27.06 -17.19
C PHE B 309 17.79 -27.03 -18.55
N ILE B 310 18.88 -26.28 -18.70
CA ILE B 310 19.62 -26.26 -19.96
C ILE B 310 21.07 -26.72 -19.70
N SER B 311 21.47 -27.82 -20.33
CA SER B 311 22.80 -28.38 -20.15
C SER B 311 23.83 -27.61 -20.95
N LYS B 312 25.11 -27.79 -20.56
CA LYS B 312 26.22 -27.24 -21.32
C LYS B 312 26.26 -27.78 -22.75
N GLU B 313 25.69 -28.95 -22.98
CA GLU B 313 25.59 -29.53 -24.31
C GLU B 313 24.37 -29.00 -25.07
N LYS B 314 23.69 -27.99 -24.53
CA LYS B 314 22.53 -27.36 -25.17
C LYS B 314 21.36 -28.32 -25.29
N LYS B 315 21.15 -29.16 -24.28
CA LYS B 315 19.99 -30.01 -24.20
C LYS B 315 19.04 -29.40 -23.18
N VAL B 316 17.74 -29.51 -23.44
CA VAL B 316 16.71 -28.86 -22.63
C VAL B 316 15.84 -29.92 -21.96
N TYR B 317 15.56 -29.72 -20.67
CA TYR B 317 14.82 -30.66 -19.86
C TYR B 317 13.70 -29.97 -19.11
N GLU B 318 12.62 -30.71 -18.83
CA GLU B 318 11.48 -30.22 -18.07
C GLU B 318 11.24 -31.12 -16.89
N THR B 319 10.94 -30.54 -15.72
CA THR B 319 10.42 -31.37 -14.64
C THR B 319 8.95 -31.73 -14.93
N SER B 320 8.40 -32.54 -14.05
CA SER B 320 7.14 -33.21 -14.39
C SER B 320 5.99 -32.21 -14.50
N GLY B 321 5.96 -31.19 -13.63
CA GLY B 321 4.93 -30.16 -13.69
C GLY B 321 4.86 -29.42 -15.01
N LEU B 322 5.94 -29.45 -15.80
CA LEU B 322 6.07 -28.66 -17.01
C LEU B 322 6.19 -29.50 -18.27
N LYS B 323 6.08 -30.82 -18.15
CA LYS B 323 6.41 -31.70 -19.25
C LYS B 323 5.59 -31.34 -20.48
N GLY B 324 6.27 -31.10 -21.60
CA GLY B 324 5.57 -30.76 -22.82
C GLY B 324 5.03 -29.34 -22.87
N GLN B 325 5.34 -28.52 -21.88
CA GLN B 325 4.80 -27.16 -21.89
C GLN B 325 5.77 -26.17 -22.53
N PHE B 326 7.07 -26.43 -22.46
CA PHE B 326 8.03 -25.52 -23.06
C PHE B 326 7.99 -25.60 -24.57
N GLU B 327 8.02 -24.44 -25.22
CA GLU B 327 7.99 -24.31 -26.66
C GLU B 327 9.36 -23.82 -27.12
N LEU B 328 10.18 -24.75 -27.58
CA LEU B 328 11.52 -24.46 -28.06
C LEU B 328 11.49 -23.67 -29.36
N THR B 329 12.21 -22.53 -29.39
CA THR B 329 12.35 -21.78 -30.63
C THR B 329 13.78 -21.60 -31.10
N ASP B 330 14.78 -22.09 -30.37
CA ASP B 330 16.18 -21.96 -30.80
C ASP B 330 16.71 -23.35 -31.19
N LYS B 331 17.23 -23.42 -32.40
CA LYS B 331 17.50 -24.67 -33.09
C LYS B 331 18.80 -25.26 -32.60
N ASP B 332 19.71 -24.40 -32.12
CA ASP B 332 20.95 -24.84 -31.53
C ASP B 332 20.71 -25.75 -30.35
N PHE B 333 19.49 -25.70 -29.81
CA PHE B 333 19.12 -26.47 -28.65
C PHE B 333 18.12 -27.53 -29.06
N GLN B 334 17.94 -28.51 -28.17
CA GLN B 334 17.13 -29.65 -28.51
C GLN B 334 16.65 -30.29 -27.21
N MET B 335 15.36 -30.63 -27.22
CA MET B 335 14.75 -31.23 -26.05
C MET B 335 15.37 -32.60 -25.80
N ASP B 336 15.44 -32.99 -24.54
CA ASP B 336 15.89 -34.32 -24.18
C ASP B 336 15.15 -34.70 -22.91
N THR B 337 15.26 -35.97 -22.55
CA THR B 337 14.57 -36.50 -21.39
C THR B 337 15.54 -37.42 -20.68
N LEU B 338 15.49 -37.42 -19.35
CA LEU B 338 16.19 -38.41 -18.55
C LEU B 338 15.73 -39.84 -18.90
#